data_5UHO
#
_entry.id   5UHO
#
_cell.length_a   97.340
_cell.length_b   97.340
_cell.length_c   260.450
_cell.angle_alpha   90.00
_cell.angle_beta   90.00
_cell.angle_gamma   90.00
#
_symmetry.space_group_name_H-M   'P 41 21 2'
#
loop_
_entity.id
_entity.type
_entity.pdbx_description
1 polymer 'O-GlcNAcase TIM-barrel domain'
2 polymer 'O-GlcNAcase stalk domain'
3 non-polymer 'O-(2-ACETAMIDO-2-DEOXY D-GLUCOPYRANOSYLIDENE) AMINO-N-PHENYLCARBAMATE'
4 water water
#
loop_
_entity_poly.entity_id
_entity_poly.type
_entity_poly.pdbx_seq_one_letter_code
_entity_poly.pdbx_strand_id
1 'polypeptide(L)'
;GARRFLCGVVEGFYGRPWVMEQRKELFRRLQKWELNTYLYAPKDDYKHRMFWREMYSVEEAEQLMTLISAAREYEIEFIY
AISPGLDITFSNPKEVSTLKRKLDQVSQFGCRSFALLFDDIDHNMCAADKEVFSSFAHAQVSITNEIYQYLGEPETFLFC
PTEYCGTFCYPNVSQSPYLRTVGEKLLPGIEVLWTGPKVVSKEIPVESIEEVSKIIKRAPVIWDNIHANDYDQKRLFLGP
YKGRSTELIPRLKGVLTNPNCEFEANYVAIHTLATWYKSNMNGVRKDVVMTDSEDSTVSIQIKLENEGSDEDIETDVLYS
PQMALKLALTEWLQEFGVPHQYSSR
;
A,C
2 'polypeptide(L)'
;MEKPLYTAEPVTLEDLQLLADLFYLPYEHGPKGAQMLREFQWLRANSSVVSVNCKGKDSEKIEEWRSRAAKFEEMCGLVM
GMFTRLSNCANRTILYDMYSYVWDIKSIMSMVKSFVQWLGCRSHSSAQFLIGDQEPWAFRGGLAGEFQRLLPIDGANDLF
FQP
;
B,D
#
loop_
_chem_comp.id
_chem_comp.type
_chem_comp.name
_chem_comp.formula
OAN non-polymer 'O-(2-ACETAMIDO-2-DEOXY D-GLUCOPYRANOSYLIDENE) AMINO-N-PHENYLCARBAMATE' 'C15 H19 N3 O7'
#
# COMPACT_ATOMS: atom_id res chain seq x y z
N ARG A 3 29.67 16.59 23.80
CA ARG A 3 30.27 16.23 22.51
C ARG A 3 29.26 16.26 21.35
N ARG A 4 29.73 15.98 20.09
CA ARG A 4 28.82 15.93 18.94
C ARG A 4 28.38 14.49 18.79
N PHE A 5 27.06 14.29 18.60
CA PHE A 5 26.40 13.01 18.43
C PHE A 5 25.21 13.21 17.50
N LEU A 6 25.18 12.42 16.41
CA LEU A 6 24.15 12.49 15.38
C LEU A 6 23.02 11.55 15.66
N CYS A 7 21.89 12.08 16.07
CA CYS A 7 20.79 11.19 16.34
C CYS A 7 19.51 11.59 15.69
N GLY A 8 19.02 10.71 14.83
CA GLY A 8 17.78 10.90 14.10
C GLY A 8 17.37 9.73 13.23
N VAL A 9 16.74 10.10 12.10
CA VAL A 9 16.18 9.25 11.06
C VAL A 9 16.96 9.45 9.78
N VAL A 10 16.96 8.41 8.95
CA VAL A 10 17.55 8.38 7.63
C VAL A 10 16.47 7.86 6.74
N GLU A 11 15.99 8.69 5.82
CA GLU A 11 15.02 8.20 4.85
C GLU A 11 15.96 7.59 3.82
N GLY A 12 16.21 6.30 3.97
CA GLY A 12 17.13 5.58 3.11
C GLY A 12 16.59 4.29 2.53
N PHE A 13 15.28 4.17 2.36
CA PHE A 13 14.65 2.95 1.88
C PHE A 13 14.27 2.92 0.40
N TYR A 14 13.87 1.72 -0.07
CA TYR A 14 13.41 1.53 -1.43
C TYR A 14 11.90 1.76 -1.34
N GLY A 15 11.29 2.05 -2.48
CA GLY A 15 9.85 2.32 -2.53
C GLY A 15 9.53 3.80 -2.56
N ARG A 16 8.22 4.10 -2.60
CA ARG A 16 7.65 5.42 -2.66
C ARG A 16 8.24 6.32 -1.56
N PRO A 17 9.10 7.32 -1.92
CA PRO A 17 9.70 8.21 -0.90
C PRO A 17 8.71 9.16 -0.23
N TRP A 18 9.08 9.68 0.95
CA TRP A 18 8.20 10.59 1.72
C TRP A 18 7.96 11.87 0.96
N VAL A 19 6.82 12.50 1.22
CA VAL A 19 6.57 13.78 0.53
C VAL A 19 7.22 14.85 1.36
N MET A 20 7.73 15.92 0.72
CA MET A 20 8.41 16.99 1.43
C MET A 20 7.41 17.66 2.46
N GLU A 21 6.12 17.34 2.35
CA GLU A 21 5.06 17.75 3.25
C GLU A 21 5.24 16.95 4.60
N GLN A 22 5.37 15.60 4.48
CA GLN A 22 5.58 14.60 5.55
C GLN A 22 6.92 14.86 6.20
N ARG A 23 7.94 15.17 5.35
CA ARG A 23 9.30 15.43 5.76
C ARG A 23 9.34 16.60 6.75
N LYS A 24 8.64 17.71 6.44
CA LYS A 24 8.57 18.89 7.33
C LYS A 24 7.97 18.51 8.70
N GLU A 25 6.96 17.61 8.70
CA GLU A 25 6.29 17.09 9.89
C GLU A 25 7.25 16.20 10.73
N LEU A 26 8.08 15.36 10.05
CA LEU A 26 9.05 14.52 10.74
C LEU A 26 10.05 15.38 11.55
N PHE A 27 10.48 16.57 11.01
CA PHE A 27 11.42 17.50 11.64
C PHE A 27 10.89 18.00 13.00
N ARG A 28 9.60 18.38 13.02
CA ARG A 28 8.85 18.86 14.17
C ARG A 28 8.86 17.78 15.25
N ARG A 29 8.49 16.53 14.85
CA ARG A 29 8.44 15.32 15.66
C ARG A 29 9.84 15.04 16.23
N LEU A 30 10.88 15.12 15.38
CA LEU A 30 12.28 14.89 15.74
C LEU A 30 12.71 15.86 16.81
N GLN A 31 12.54 17.15 16.54
CA GLN A 31 12.91 18.21 17.46
C GLN A 31 12.19 18.06 18.81
N LYS A 32 10.85 17.80 18.80
CA LYS A 32 9.99 17.60 19.98
C LYS A 32 10.57 16.54 20.92
N TRP A 33 11.26 15.56 20.35
CA TRP A 33 11.85 14.47 21.10
C TRP A 33 13.37 14.63 21.35
N GLU A 34 13.89 15.84 21.07
CA GLU A 34 15.31 16.21 21.22
C GLU A 34 16.27 15.39 20.32
N LEU A 35 15.84 15.09 19.09
CA LEU A 35 16.69 14.42 18.10
C LEU A 35 17.21 15.56 17.23
N ASN A 36 18.27 15.33 16.44
CA ASN A 36 18.95 16.41 15.71
C ASN A 36 19.41 16.15 14.28
N THR A 37 19.00 15.04 13.64
CA THR A 37 19.48 14.72 12.30
C THR A 37 18.48 14.06 11.39
N TYR A 38 18.60 14.39 10.10
CA TYR A 38 17.87 13.87 8.96
C TYR A 38 18.89 13.57 7.84
N LEU A 39 18.95 12.31 7.41
CA LEU A 39 19.81 11.91 6.30
C LEU A 39 18.89 11.71 5.07
N TYR A 40 19.15 12.48 4.01
CA TYR A 40 18.37 12.40 2.79
C TYR A 40 19.08 11.39 1.91
N ALA A 41 18.53 10.14 1.89
CA ALA A 41 19.06 9.01 1.10
C ALA A 41 17.95 8.07 0.44
N PRO A 42 16.73 8.59 0.02
CA PRO A 42 15.71 7.71 -0.58
C PRO A 42 16.20 7.02 -1.85
N LYS A 43 16.46 5.69 -1.73
CA LYS A 43 16.98 4.81 -2.76
C LYS A 43 16.30 4.99 -4.12
N ASP A 44 15.06 5.53 -4.14
CA ASP A 44 14.36 5.78 -5.39
C ASP A 44 14.83 7.15 -5.94
N ASP A 45 14.06 8.32 -5.84
CA ASP A 45 14.49 9.66 -6.35
C ASP A 45 15.63 9.52 -7.39
N TYR A 46 15.28 9.54 -8.71
CA TYR A 46 16.27 9.34 -9.77
C TYR A 46 17.57 10.09 -9.55
N LYS A 47 17.46 11.39 -9.18
CA LYS A 47 18.58 12.28 -8.93
C LYS A 47 19.48 11.81 -7.79
N HIS A 48 18.96 11.03 -6.81
CA HIS A 48 19.76 10.53 -5.69
C HIS A 48 20.68 9.34 -6.03
N ARG A 49 20.13 8.26 -6.61
CA ARG A 49 20.96 7.08 -6.83
C ARG A 49 21.27 6.76 -8.30
N MET A 50 20.26 6.21 -9.00
CA MET A 50 20.33 5.75 -10.38
C MET A 50 20.90 6.79 -11.33
N PHE A 51 20.13 7.88 -11.55
CA PHE A 51 20.51 8.97 -12.43
C PHE A 51 20.92 10.13 -11.53
N TRP A 52 22.07 9.93 -10.86
CA TRP A 52 22.71 10.81 -9.88
C TRP A 52 23.34 12.08 -10.42
N ARG A 53 23.87 12.00 -11.66
CA ARG A 53 24.52 13.09 -12.38
C ARG A 53 23.57 14.25 -12.65
N GLU A 54 22.33 13.90 -12.97
CA GLU A 54 21.21 14.77 -13.29
C GLU A 54 20.86 15.79 -12.19
N MET A 55 20.99 17.08 -12.51
CA MET A 55 20.69 18.23 -11.63
C MET A 55 19.18 18.39 -11.42
N TYR A 56 18.77 18.92 -10.25
CA TYR A 56 17.36 19.17 -9.91
C TYR A 56 16.72 20.30 -10.73
N SER A 57 15.44 20.14 -11.09
CA SER A 57 14.71 21.16 -11.85
C SER A 57 14.39 22.38 -10.98
N VAL A 58 13.52 23.28 -11.49
CA VAL A 58 13.09 24.51 -10.83
C VAL A 58 12.28 24.20 -9.57
N GLU A 59 11.18 23.43 -9.72
CA GLU A 59 10.31 23.04 -8.59
C GLU A 59 11.11 22.11 -7.66
N GLU A 60 11.92 21.19 -8.26
CA GLU A 60 12.76 20.24 -7.53
C GLU A 60 13.74 21.00 -6.67
N ALA A 61 14.27 22.11 -7.19
CA ALA A 61 15.19 22.97 -6.47
C ALA A 61 14.42 23.72 -5.39
N GLU A 62 13.25 24.27 -5.76
CA GLU A 62 12.37 25.04 -4.87
C GLU A 62 12.02 24.25 -3.64
N GLN A 63 11.53 23.00 -3.84
CA GLN A 63 11.09 22.09 -2.79
C GLN A 63 12.21 21.71 -1.83
N LEU A 64 13.43 21.42 -2.35
CA LEU A 64 14.59 21.06 -1.52
C LEU A 64 15.02 22.19 -0.60
N MET A 65 14.97 23.43 -1.12
CA MET A 65 15.33 24.65 -0.39
C MET A 65 14.42 24.80 0.80
N THR A 66 13.09 24.71 0.55
CA THR A 66 12.06 24.82 1.57
C THR A 66 12.31 23.79 2.65
N LEU A 67 12.62 22.52 2.24
CA LEU A 67 12.89 21.42 3.18
C LEU A 67 14.13 21.75 4.00
N ILE A 68 15.23 22.18 3.34
CA ILE A 68 16.47 22.56 4.04
C ILE A 68 16.17 23.72 5.04
N SER A 69 15.36 24.69 4.59
CA SER A 69 14.94 25.82 5.39
C SER A 69 14.16 25.34 6.62
N ALA A 70 13.20 24.38 6.43
CA ALA A 70 12.39 23.80 7.51
C ALA A 70 13.28 23.08 8.51
N ALA A 71 14.35 22.41 8.01
CA ALA A 71 15.32 21.69 8.84
C ALA A 71 16.03 22.65 9.78
N ARG A 72 16.37 23.87 9.29
CA ARG A 72 17.02 24.93 10.08
C ARG A 72 16.02 25.42 11.15
N GLU A 73 14.76 25.71 10.70
CA GLU A 73 13.62 26.20 11.51
C GLU A 73 13.33 25.29 12.68
N TYR A 74 13.30 23.98 12.43
CA TYR A 74 13.05 22.99 13.48
C TYR A 74 14.36 22.47 14.08
N GLU A 75 15.49 23.20 13.87
CA GLU A 75 16.82 22.87 14.38
C GLU A 75 17.08 21.34 14.35
N ILE A 76 17.16 20.81 13.12
CA ILE A 76 17.43 19.42 12.76
C ILE A 76 18.53 19.49 11.70
N GLU A 77 19.61 18.69 11.84
CA GLU A 77 20.67 18.72 10.84
C GLU A 77 20.29 17.95 9.57
N PHE A 78 20.31 18.65 8.44
CA PHE A 78 20.01 18.09 7.13
C PHE A 78 21.32 17.73 6.44
N ILE A 79 21.40 16.46 6.08
CA ILE A 79 22.52 15.84 5.38
C ILE A 79 21.96 15.35 4.08
N TYR A 80 22.63 15.66 2.98
CA TYR A 80 22.23 15.20 1.66
C TYR A 80 23.20 14.12 1.27
N ALA A 81 22.67 12.94 1.00
CA ALA A 81 23.51 11.82 0.59
C ALA A 81 23.38 11.60 -0.89
N ILE A 82 24.43 11.07 -1.49
CA ILE A 82 24.49 10.75 -2.90
C ILE A 82 25.01 9.32 -3.04
N SER A 83 24.38 8.57 -3.94
CA SER A 83 24.73 7.20 -4.22
C SER A 83 25.10 7.17 -5.70
N PRO A 84 26.39 7.49 -6.03
CA PRO A 84 26.81 7.50 -7.45
C PRO A 84 27.37 6.16 -7.96
N GLY A 85 27.63 5.24 -7.02
CA GLY A 85 28.25 3.92 -7.18
C GLY A 85 27.93 2.98 -8.31
N LEU A 86 26.75 3.12 -8.93
CA LEU A 86 26.40 2.18 -9.99
C LEU A 86 27.21 2.35 -11.27
N ASP A 87 27.17 3.53 -11.89
CA ASP A 87 27.81 3.86 -13.16
C ASP A 87 28.99 4.82 -13.10
N ILE A 88 29.39 5.26 -11.92
CA ILE A 88 30.51 6.20 -11.80
C ILE A 88 31.89 5.62 -12.21
N THR A 89 32.63 6.42 -13.00
CA THR A 89 33.99 6.09 -13.41
C THR A 89 34.93 7.04 -12.66
N PHE A 90 35.39 6.53 -11.51
CA PHE A 90 36.28 7.12 -10.51
C PHE A 90 37.54 7.77 -11.09
N SER A 91 38.14 7.13 -12.13
CA SER A 91 39.34 7.58 -12.84
C SER A 91 39.07 8.83 -13.67
N ASN A 92 37.89 8.87 -14.33
CA ASN A 92 37.45 10.00 -15.15
C ASN A 92 37.24 11.27 -14.30
N PRO A 93 38.04 12.34 -14.54
CA PRO A 93 37.87 13.57 -13.75
C PRO A 93 36.61 14.32 -14.12
N LYS A 94 36.07 14.10 -15.35
CA LYS A 94 34.83 14.72 -15.86
C LYS A 94 33.67 14.30 -14.95
N GLU A 95 33.69 13.01 -14.52
CA GLU A 95 32.73 12.36 -13.61
C GLU A 95 32.80 13.05 -12.22
N VAL A 96 34.02 13.15 -11.66
CA VAL A 96 34.32 13.80 -10.38
C VAL A 96 33.69 15.21 -10.36
N SER A 97 33.90 15.94 -11.46
CA SER A 97 33.41 17.29 -11.70
C SER A 97 31.90 17.35 -11.73
N THR A 98 31.24 16.29 -12.28
CA THR A 98 29.77 16.15 -12.37
C THR A 98 29.18 16.01 -10.95
N LEU A 99 29.88 15.29 -10.05
CA LEU A 99 29.46 15.11 -8.65
C LEU A 99 29.62 16.45 -7.95
N LYS A 100 30.83 17.08 -8.10
CA LYS A 100 31.19 18.39 -7.54
C LYS A 100 30.10 19.41 -7.87
N ARG A 101 29.63 19.36 -9.12
CA ARG A 101 28.56 20.20 -9.69
C ARG A 101 27.20 19.88 -9.08
N LYS A 102 26.96 18.57 -8.81
CA LYS A 102 25.70 18.05 -8.27
C LYS A 102 25.53 18.46 -6.84
N LEU A 103 26.63 18.40 -6.07
CA LEU A 103 26.61 18.79 -4.67
C LEU A 103 26.57 20.29 -4.52
N ASP A 104 27.19 21.03 -5.47
CA ASP A 104 27.17 22.49 -5.43
C ASP A 104 25.79 23.05 -5.51
N GLN A 105 24.95 22.42 -6.31
CA GLN A 105 23.54 22.79 -6.46
C GLN A 105 22.79 22.61 -5.12
N VAL A 106 23.10 21.52 -4.39
CA VAL A 106 22.49 21.23 -3.10
C VAL A 106 23.06 22.20 -2.07
N SER A 107 24.38 22.52 -2.16
CA SER A 107 25.02 23.49 -1.30
C SER A 107 24.29 24.85 -1.51
N GLN A 108 23.93 25.16 -2.76
CA GLN A 108 23.21 26.38 -3.09
C GLN A 108 21.72 26.39 -2.65
N PHE A 109 21.26 25.38 -1.88
CA PHE A 109 19.89 25.33 -1.35
C PHE A 109 19.92 25.56 0.15
N GLY A 110 21.15 25.53 0.67
CA GLY A 110 21.44 25.74 2.08
C GLY A 110 22.11 24.56 2.75
N CYS A 111 22.30 23.48 2.01
CA CYS A 111 22.92 22.29 2.56
C CYS A 111 24.38 22.49 2.89
N ARG A 112 24.75 22.19 4.14
CA ARG A 112 26.12 22.31 4.60
C ARG A 112 26.68 20.93 4.93
N SER A 113 25.77 19.94 5.23
CA SER A 113 26.07 18.55 5.58
C SER A 113 25.84 17.60 4.41
N PHE A 114 26.82 16.72 4.14
CA PHE A 114 26.79 15.79 3.01
C PHE A 114 27.17 14.35 3.35
N ALA A 115 26.96 13.43 2.39
CA ALA A 115 27.27 12.01 2.52
C ALA A 115 27.45 11.39 1.16
N LEU A 116 28.29 10.38 1.07
CA LEU A 116 28.57 9.63 -0.15
C LEU A 116 28.41 8.17 0.22
N LEU A 117 27.48 7.47 -0.42
CA LEU A 117 27.20 6.06 -0.11
C LEU A 117 27.61 5.08 -1.21
N PHE A 118 28.11 3.90 -0.78
CA PHE A 118 28.55 2.83 -1.69
C PHE A 118 28.06 1.49 -1.23
N ASP A 119 26.77 1.45 -0.89
CA ASP A 119 26.04 0.28 -0.45
C ASP A 119 25.19 -0.21 -1.64
N ASP A 120 24.90 -1.51 -1.66
CA ASP A 120 24.07 -2.15 -2.69
C ASP A 120 24.66 -2.10 -4.12
N ILE A 121 26.01 -2.09 -4.20
CA ILE A 121 26.80 -2.06 -5.43
C ILE A 121 27.85 -3.18 -5.39
N ASP A 122 28.16 -3.81 -6.55
CA ASP A 122 29.16 -4.88 -6.68
C ASP A 122 30.59 -4.38 -6.34
N HIS A 123 31.47 -5.29 -5.90
CA HIS A 123 32.87 -4.99 -5.54
C HIS A 123 33.87 -4.88 -6.72
N ASN A 124 33.37 -4.94 -7.97
CA ASN A 124 34.18 -4.91 -9.18
C ASN A 124 34.17 -3.57 -9.86
N MET A 125 35.38 -3.09 -10.21
CA MET A 125 35.65 -1.83 -10.91
C MET A 125 35.84 -2.12 -12.43
N CYS A 126 35.75 -1.08 -13.27
CA CYS A 126 35.95 -1.18 -14.71
C CYS A 126 37.47 -1.15 -15.00
N ALA A 127 37.91 -1.50 -16.24
CA ALA A 127 39.34 -1.52 -16.62
C ALA A 127 40.11 -0.21 -16.35
N ALA A 128 39.50 0.96 -16.60
CA ALA A 128 40.13 2.27 -16.37
C ALA A 128 40.42 2.45 -14.88
N ASP A 129 39.44 2.10 -14.03
CA ASP A 129 39.51 2.17 -12.56
C ASP A 129 40.52 1.15 -12.05
N LYS A 130 40.53 -0.07 -12.67
CA LYS A 130 41.41 -1.19 -12.35
C LYS A 130 42.85 -0.75 -12.54
N GLU A 131 43.12 -0.02 -13.65
CA GLU A 131 44.45 0.52 -14.00
C GLU A 131 44.95 1.53 -12.94
N VAL A 132 44.18 2.62 -12.75
CA VAL A 132 44.44 3.74 -11.85
C VAL A 132 44.53 3.34 -10.34
N PHE A 133 43.45 2.76 -9.77
CA PHE A 133 43.45 2.40 -8.35
C PHE A 133 43.82 0.95 -8.09
N SER A 134 44.65 0.72 -7.06
CA SER A 134 45.12 -0.61 -6.67
C SER A 134 43.99 -1.52 -6.18
N SER A 135 42.94 -0.93 -5.54
CA SER A 135 41.76 -1.65 -5.02
C SER A 135 40.49 -0.80 -5.13
N PHE A 136 39.32 -1.45 -4.98
CA PHE A 136 37.98 -0.84 -5.03
C PHE A 136 37.84 0.11 -3.86
N ALA A 137 38.40 -0.29 -2.72
CA ALA A 137 38.41 0.49 -1.51
C ALA A 137 39.20 1.76 -1.79
N HIS A 138 40.36 1.65 -2.52
CA HIS A 138 41.23 2.77 -2.92
C HIS A 138 40.52 3.80 -3.81
N ALA A 139 39.61 3.33 -4.69
CA ALA A 139 38.86 4.17 -5.61
C ALA A 139 37.90 5.08 -4.84
N GLN A 140 37.02 4.46 -4.03
CA GLN A 140 36.01 5.09 -3.21
C GLN A 140 36.65 6.04 -2.22
N VAL A 141 37.83 5.69 -1.66
CA VAL A 141 38.54 6.56 -0.71
C VAL A 141 38.99 7.88 -1.40
N SER A 142 39.52 7.78 -2.63
CA SER A 142 40.01 8.92 -3.43
C SER A 142 38.95 9.96 -3.69
N ILE A 143 37.79 9.51 -4.23
CA ILE A 143 36.64 10.34 -4.58
C ILE A 143 36.01 10.97 -3.35
N THR A 144 35.77 10.18 -2.29
CA THR A 144 35.18 10.65 -1.04
C THR A 144 36.05 11.78 -0.45
N ASN A 145 37.38 11.50 -0.31
CA ASN A 145 38.39 12.42 0.20
C ASN A 145 38.46 13.66 -0.67
N GLU A 146 38.39 13.50 -2.03
CA GLU A 146 38.41 14.62 -2.97
C GLU A 146 37.18 15.51 -2.81
N ILE A 147 35.98 14.89 -2.79
CA ILE A 147 34.71 15.59 -2.62
C ILE A 147 34.65 16.29 -1.24
N TYR A 148 35.27 15.66 -0.21
CA TYR A 148 35.33 16.22 1.15
C TYR A 148 36.11 17.53 1.10
N GLN A 149 37.37 17.49 0.61
CA GLN A 149 38.26 18.64 0.46
C GLN A 149 37.60 19.74 -0.35
N TYR A 150 37.01 19.38 -1.53
CA TYR A 150 36.32 20.33 -2.42
C TYR A 150 35.20 21.10 -1.72
N LEU A 151 34.39 20.39 -0.93
CA LEU A 151 33.29 21.00 -0.19
C LEU A 151 33.77 21.94 0.91
N GLY A 152 35.06 21.82 1.25
CA GLY A 152 35.73 22.64 2.27
C GLY A 152 35.67 21.99 3.63
N GLU A 153 36.08 20.70 3.69
CA GLU A 153 36.11 19.84 4.88
C GLU A 153 34.91 20.11 5.82
N PRO A 154 33.63 19.89 5.36
CA PRO A 154 32.48 20.21 6.23
C PRO A 154 32.41 19.43 7.53
N GLU A 155 31.65 19.98 8.50
CA GLU A 155 31.43 19.44 9.85
C GLU A 155 30.90 18.01 9.76
N THR A 156 29.79 17.85 9.03
CA THR A 156 29.15 16.57 8.84
C THR A 156 29.34 16.05 7.41
N PHE A 157 30.22 15.03 7.30
CA PHE A 157 30.51 14.31 6.08
C PHE A 157 30.47 12.84 6.41
N LEU A 158 29.51 12.13 5.81
CA LEU A 158 29.25 10.70 6.01
C LEU A 158 29.74 9.86 4.83
N PHE A 159 30.09 8.61 5.09
CA PHE A 159 30.55 7.68 4.08
C PHE A 159 29.99 6.33 4.37
N CYS A 160 29.37 5.70 3.37
CA CYS A 160 28.85 4.36 3.56
C CYS A 160 29.63 3.33 2.71
N PRO A 161 30.26 2.34 3.40
CA PRO A 161 31.03 1.33 2.68
C PRO A 161 30.15 0.26 2.04
N THR A 162 30.75 -0.54 1.17
CA THR A 162 30.08 -1.64 0.48
C THR A 162 29.96 -2.77 1.45
N GLU A 163 30.90 -2.83 2.39
CA GLU A 163 30.95 -3.81 3.45
C GLU A 163 30.56 -3.03 4.70
N TYR A 164 29.26 -2.66 4.75
CA TYR A 164 28.60 -1.87 5.81
C TYR A 164 28.04 -2.67 6.97
N CYS A 165 28.12 -4.00 6.89
CA CYS A 165 27.64 -4.82 8.00
C CYS A 165 28.46 -6.05 8.15
N GLY A 166 28.52 -6.57 9.37
CA GLY A 166 29.31 -7.76 9.70
C GLY A 166 29.24 -8.82 8.63
N THR A 167 28.02 -9.30 8.34
CA THR A 167 27.72 -10.33 7.35
C THR A 167 28.03 -9.94 5.89
N PHE A 168 28.75 -8.83 5.66
CA PHE A 168 29.05 -8.34 4.32
C PHE A 168 30.49 -8.03 4.10
N CYS A 169 31.34 -8.32 5.09
CA CYS A 169 32.78 -8.06 4.97
C CYS A 169 33.54 -9.29 4.49
N TYR A 170 34.30 -9.16 3.38
CA TYR A 170 35.13 -10.23 2.83
C TYR A 170 36.56 -9.94 3.33
N PRO A 171 37.22 -10.90 4.01
CA PRO A 171 36.77 -12.26 4.37
C PRO A 171 36.01 -12.34 5.70
N ASN A 172 36.12 -11.29 6.51
CA ASN A 172 35.49 -11.04 7.81
C ASN A 172 35.71 -9.57 8.17
N VAL A 173 35.18 -9.12 9.33
CA VAL A 173 35.29 -7.74 9.79
C VAL A 173 36.76 -7.29 9.96
N SER A 174 37.49 -7.85 10.93
CA SER A 174 38.88 -7.52 11.26
C SER A 174 39.89 -7.66 10.13
N GLN A 175 39.83 -8.78 9.39
CA GLN A 175 40.75 -9.11 8.31
C GLN A 175 40.35 -8.56 6.93
N SER A 176 39.31 -7.71 6.85
CA SER A 176 38.91 -7.17 5.55
C SER A 176 39.91 -6.14 5.00
N PRO A 177 40.44 -6.39 3.77
CA PRO A 177 41.39 -5.43 3.15
C PRO A 177 40.72 -4.11 2.82
N TYR A 178 39.42 -4.18 2.41
CA TYR A 178 38.54 -3.07 2.07
C TYR A 178 38.44 -2.06 3.23
N LEU A 179 37.95 -2.52 4.40
CA LEU A 179 37.77 -1.66 5.58
C LEU A 179 39.10 -1.16 6.12
N ARG A 180 40.20 -1.91 5.87
CA ARG A 180 41.54 -1.53 6.31
C ARG A 180 42.01 -0.32 5.51
N THR A 181 41.77 -0.35 4.17
CA THR A 181 42.12 0.72 3.22
C THR A 181 41.38 2.00 3.61
N VAL A 182 40.10 1.86 4.02
CA VAL A 182 39.23 2.95 4.45
C VAL A 182 39.77 3.48 5.78
N GLY A 183 39.91 2.58 6.75
CA GLY A 183 40.41 2.89 8.09
C GLY A 183 41.67 3.73 8.09
N GLU A 184 42.61 3.35 7.21
CA GLU A 184 43.89 4.01 7.02
C GLU A 184 43.76 5.29 6.19
N LYS A 185 43.53 5.14 4.86
CA LYS A 185 43.49 6.24 3.89
C LYS A 185 42.28 7.23 3.94
N LEU A 186 41.05 6.82 4.37
CA LEU A 186 39.95 7.80 4.41
C LEU A 186 40.22 8.86 5.48
N LEU A 187 39.98 10.15 5.14
CA LEU A 187 40.19 11.31 6.03
C LEU A 187 39.52 11.15 7.41
N PRO A 188 40.09 11.73 8.51
CA PRO A 188 39.47 11.52 9.84
C PRO A 188 38.14 12.21 10.07
N GLY A 189 37.93 13.33 9.38
CA GLY A 189 36.70 14.12 9.49
C GLY A 189 35.47 13.41 8.97
N ILE A 190 35.68 12.49 8.02
CA ILE A 190 34.62 11.71 7.39
C ILE A 190 34.14 10.62 8.33
N GLU A 191 32.84 10.69 8.70
CA GLU A 191 32.19 9.72 9.57
C GLU A 191 31.66 8.54 8.76
N VAL A 192 31.92 7.30 9.22
CA VAL A 192 31.55 6.04 8.54
C VAL A 192 30.25 5.43 9.04
N LEU A 193 29.38 5.03 8.09
CA LEU A 193 28.11 4.40 8.41
C LEU A 193 28.25 2.87 8.55
N TRP A 194 27.56 2.28 9.54
CA TRP A 194 27.62 0.85 9.84
C TRP A 194 26.23 0.35 10.26
N THR A 195 25.73 -0.71 9.65
CA THR A 195 24.40 -1.21 9.95
C THR A 195 24.35 -2.36 10.96
N GLY A 196 25.45 -2.55 11.69
CA GLY A 196 25.61 -3.60 12.71
C GLY A 196 26.09 -4.96 12.22
N PRO A 197 26.01 -6.02 13.06
CA PRO A 197 26.46 -7.36 12.61
C PRO A 197 25.76 -7.91 11.36
N LYS A 198 24.51 -7.59 11.16
CA LYS A 198 23.74 -8.04 9.98
C LYS A 198 23.27 -6.77 9.23
N VAL A 199 22.47 -6.89 8.14
CA VAL A 199 21.95 -5.69 7.45
C VAL A 199 20.90 -5.14 8.42
N VAL A 200 19.97 -6.02 8.83
CA VAL A 200 18.91 -5.77 9.80
C VAL A 200 19.36 -6.54 11.08
N SER A 201 20.22 -5.89 11.90
CA SER A 201 20.79 -6.47 13.13
C SER A 201 19.79 -6.77 14.25
N LYS A 202 19.75 -8.02 14.82
CA LYS A 202 18.83 -8.32 15.95
C LYS A 202 19.31 -7.51 17.13
N GLU A 203 20.63 -7.58 17.34
CA GLU A 203 21.36 -6.89 18.37
C GLU A 203 22.62 -6.36 17.74
N ILE A 204 23.05 -5.20 18.25
CA ILE A 204 24.27 -4.50 17.88
C ILE A 204 25.18 -4.63 19.15
N PRO A 205 25.92 -5.77 19.33
CA PRO A 205 26.75 -5.93 20.52
C PRO A 205 27.92 -4.98 20.59
N VAL A 206 28.14 -4.45 21.80
CA VAL A 206 29.19 -3.52 22.18
C VAL A 206 30.53 -4.02 21.68
N GLU A 207 30.74 -5.35 21.87
CA GLU A 207 31.87 -6.18 21.48
C GLU A 207 32.17 -5.95 19.97
N SER A 208 31.16 -6.27 19.13
CA SER A 208 31.20 -6.16 17.67
C SER A 208 31.48 -4.73 17.24
N ILE A 209 31.05 -3.75 18.04
CA ILE A 209 31.26 -2.36 17.71
C ILE A 209 32.70 -1.97 17.95
N GLU A 210 33.36 -2.54 18.97
CA GLU A 210 34.79 -2.22 19.22
C GLU A 210 35.65 -2.89 18.16
N GLU A 211 35.21 -4.04 17.66
CA GLU A 211 35.88 -4.82 16.62
C GLU A 211 35.94 -4.00 15.32
N VAL A 212 34.77 -3.50 14.85
CA VAL A 212 34.63 -2.69 13.65
C VAL A 212 35.26 -1.31 13.84
N SER A 213 35.14 -0.69 15.06
CA SER A 213 35.70 0.63 15.39
C SER A 213 37.20 0.61 15.16
N LYS A 214 37.82 -0.54 15.51
CA LYS A 214 39.25 -0.76 15.39
C LYS A 214 39.73 -0.76 13.95
N ILE A 215 39.18 -1.66 13.12
CA ILE A 215 39.54 -1.85 11.72
C ILE A 215 39.24 -0.56 10.86
N ILE A 216 38.16 0.20 11.16
CA ILE A 216 37.82 1.45 10.42
C ILE A 216 38.53 2.68 11.05
N LYS A 217 39.27 2.45 12.15
CA LYS A 217 40.06 3.42 12.93
C LYS A 217 39.27 4.72 13.27
N ARG A 218 38.04 4.52 13.81
CA ARG A 218 37.06 5.53 14.27
C ARG A 218 35.74 4.87 14.80
N ALA A 219 34.95 5.61 15.61
CA ALA A 219 33.66 5.15 16.14
C ALA A 219 32.62 5.36 15.00
N PRO A 220 31.86 4.32 14.58
CA PRO A 220 30.93 4.55 13.47
C PRO A 220 29.63 5.29 13.82
N VAL A 221 28.81 5.51 12.78
CA VAL A 221 27.49 6.12 12.86
C VAL A 221 26.59 5.03 12.36
N ILE A 222 25.79 4.50 13.26
CA ILE A 222 24.87 3.42 12.96
C ILE A 222 23.72 3.84 12.02
N TRP A 223 23.46 3.04 10.99
CA TRP A 223 22.34 3.21 10.07
C TRP A 223 21.50 2.01 10.55
N ASP A 224 20.60 2.24 11.51
CA ASP A 224 19.80 1.17 12.09
C ASP A 224 18.60 0.76 11.22
N ASN A 225 18.65 -0.45 10.68
CA ASN A 225 17.58 -0.99 9.83
C ASN A 225 16.55 -1.81 10.61
N ILE A 226 16.61 -1.79 11.96
CA ILE A 226 15.68 -2.51 12.85
C ILE A 226 14.19 -2.34 12.39
N HIS A 227 13.73 -1.09 12.26
CA HIS A 227 12.36 -0.76 11.92
C HIS A 227 12.03 -0.62 10.43
N ALA A 228 13.00 -0.94 9.56
CA ALA A 228 12.84 -0.89 8.12
C ALA A 228 11.91 -2.00 7.72
N ASN A 229 11.09 -1.78 6.66
CA ASN A 229 10.16 -2.82 6.22
C ASN A 229 10.05 -2.91 4.69
N ASP A 230 11.07 -2.42 3.94
CA ASP A 230 10.96 -2.56 2.49
C ASP A 230 11.03 -4.07 2.11
N TYR A 231 12.11 -4.83 2.46
CA TYR A 231 12.35 -6.28 2.21
C TYR A 231 11.09 -7.20 2.24
N ASP A 232 10.12 -6.86 3.12
CA ASP A 232 8.88 -7.59 3.26
C ASP A 232 7.72 -6.60 3.49
N GLN A 233 7.27 -6.00 2.38
CA GLN A 233 6.18 -5.02 2.30
C GLN A 233 4.88 -5.48 3.00
N LYS A 234 4.77 -6.79 3.33
CA LYS A 234 3.64 -7.45 4.01
C LYS A 234 3.72 -7.22 5.51
N ARG A 235 4.90 -6.80 5.99
CA ARG A 235 5.19 -6.58 7.39
C ARG A 235 5.32 -5.11 7.74
N LEU A 236 5.03 -4.77 9.00
CA LEU A 236 5.10 -3.44 9.61
C LEU A 236 5.72 -3.62 11.02
N PHE A 237 6.48 -2.62 11.54
CA PHE A 237 7.14 -2.72 12.84
C PHE A 237 6.80 -1.55 13.76
N LEU A 238 6.00 -1.87 14.78
CA LEU A 238 5.51 -0.92 15.75
C LEU A 238 6.09 -1.20 17.14
N GLY A 239 7.07 -2.12 17.18
CA GLY A 239 7.77 -2.53 18.39
C GLY A 239 8.75 -1.49 18.89
N PRO A 240 9.21 -1.60 20.14
CA PRO A 240 10.17 -0.61 20.65
C PRO A 240 11.59 -0.88 20.17
N TYR A 241 12.43 0.14 20.23
CA TYR A 241 13.83 0.06 19.84
C TYR A 241 14.64 -0.93 20.76
N LYS A 242 14.66 -2.23 20.43
CA LYS A 242 15.33 -3.32 21.17
C LYS A 242 16.66 -3.76 20.52
N GLY A 243 17.51 -4.43 21.30
CA GLY A 243 18.80 -4.99 20.87
C GLY A 243 20.05 -4.14 20.79
N ARG A 244 19.97 -2.86 21.23
CA ARG A 244 21.11 -1.92 21.20
C ARG A 244 21.30 -1.35 22.59
N SER A 245 22.41 -1.75 23.24
CA SER A 245 22.78 -1.33 24.61
C SER A 245 23.05 0.15 24.68
N THR A 246 22.53 0.80 25.76
CA THR A 246 22.75 2.24 26.05
C THR A 246 24.26 2.48 26.12
N GLU A 247 25.04 1.39 26.38
CA GLU A 247 26.50 1.37 26.45
C GLU A 247 27.16 1.51 25.06
N LEU A 248 26.37 1.53 23.98
CA LEU A 248 26.93 1.74 22.65
C LEU A 248 27.08 3.25 22.47
N ILE A 249 26.15 4.06 23.06
CA ILE A 249 26.07 5.53 22.93
C ILE A 249 27.44 6.20 23.10
N PRO A 250 28.28 5.92 24.14
CA PRO A 250 29.59 6.60 24.19
C PRO A 250 30.61 6.07 23.14
N ARG A 251 30.39 4.88 22.62
CA ARG A 251 31.24 4.24 21.63
C ARG A 251 30.84 4.48 20.15
N LEU A 252 29.88 5.40 19.90
CA LEU A 252 29.45 5.70 18.53
C LEU A 252 29.31 7.19 18.29
N LYS A 253 29.43 7.60 17.02
CA LYS A 253 29.27 9.01 16.61
C LYS A 253 27.77 9.33 16.36
N GLY A 254 26.92 8.29 16.29
CA GLY A 254 25.50 8.47 16.09
C GLY A 254 24.69 7.24 15.71
N VAL A 255 23.34 7.39 15.73
CA VAL A 255 22.35 6.38 15.33
C VAL A 255 21.27 7.05 14.49
N LEU A 256 21.15 6.64 13.22
CA LEU A 256 20.15 7.13 12.27
C LEU A 256 19.27 5.94 11.94
N THR A 257 17.98 6.07 12.21
CA THR A 257 17.08 4.96 11.97
C THR A 257 16.41 5.01 10.59
N ASN A 258 16.61 3.95 9.80
CA ASN A 258 15.96 3.77 8.51
C ASN A 258 14.66 3.03 8.97
N PRO A 259 13.48 3.70 8.99
CA PRO A 259 12.26 3.06 9.55
C PRO A 259 11.27 2.51 8.52
N ASN A 260 10.02 2.13 8.95
CA ASN A 260 9.00 1.60 8.01
C ASN A 260 8.74 2.62 6.90
N CYS A 261 8.50 2.13 5.69
CA CYS A 261 8.21 2.95 4.50
C CYS A 261 6.98 3.77 4.75
N GLU A 262 5.96 3.16 5.35
CA GLU A 262 4.72 3.81 5.70
C GLU A 262 5.04 4.75 6.85
N PHE A 263 5.24 6.03 6.50
CA PHE A 263 5.59 7.15 7.37
C PHE A 263 4.86 7.22 8.73
N GLU A 264 3.53 7.21 8.74
CA GLU A 264 2.78 7.33 9.99
C GLU A 264 3.07 6.25 11.10
N ALA A 265 3.55 5.03 10.72
CA ALA A 265 3.86 3.87 11.58
C ALA A 265 5.14 4.03 12.41
N ASN A 266 5.97 5.01 12.00
CA ASN A 266 7.24 5.31 12.61
C ASN A 266 7.18 6.13 13.93
N TYR A 267 6.00 6.25 14.56
CA TYR A 267 5.87 7.00 15.82
C TYR A 267 6.62 6.29 16.92
N VAL A 268 6.24 5.03 17.22
CA VAL A 268 6.92 4.21 18.22
C VAL A 268 8.40 4.08 17.82
N ALA A 269 8.68 3.75 16.57
CA ALA A 269 10.04 3.64 16.10
C ALA A 269 10.94 4.87 16.50
N ILE A 270 10.56 6.10 16.10
CA ILE A 270 11.37 7.30 16.38
C ILE A 270 11.23 7.81 17.86
N HIS A 271 10.08 7.50 18.54
CA HIS A 271 9.86 7.88 19.96
C HIS A 271 10.82 7.07 20.85
N THR A 272 10.74 5.73 20.77
CA THR A 272 11.60 4.80 21.54
C THR A 272 13.10 5.06 21.22
N LEU A 273 13.41 5.45 19.98
CA LEU A 273 14.80 5.76 19.68
C LEU A 273 15.22 7.00 20.50
N ALA A 274 14.36 8.05 20.53
CA ALA A 274 14.67 9.28 21.24
C ALA A 274 14.87 8.96 22.71
N THR A 275 13.96 8.17 23.26
CA THR A 275 13.96 7.72 24.65
C THR A 275 15.28 6.99 24.98
N TRP A 276 15.72 6.07 24.09
CA TRP A 276 16.96 5.30 24.20
C TRP A 276 18.17 6.23 24.28
N TYR A 277 18.29 7.17 23.31
CA TYR A 277 19.35 8.15 23.29
C TYR A 277 19.33 8.99 24.55
N LYS A 278 18.30 9.83 24.78
CA LYS A 278 18.21 10.68 25.98
C LYS A 278 18.61 9.97 27.30
N SER A 279 18.26 8.66 27.44
CA SER A 279 18.55 7.81 28.62
C SER A 279 20.05 7.68 29.01
N ASN A 280 21.02 7.59 28.04
CA ASN A 280 22.47 7.48 28.36
C ASN A 280 23.28 8.49 27.57
N MET A 281 22.62 9.60 27.31
CA MET A 281 23.09 10.71 26.52
C MET A 281 24.52 11.21 26.84
N ASN A 282 24.75 11.55 28.10
CA ASN A 282 25.98 12.14 28.63
C ASN A 282 27.03 11.15 29.17
N GLY A 283 26.61 9.92 29.47
CA GLY A 283 27.49 8.88 29.98
C GLY A 283 28.62 8.50 29.04
N VAL A 284 29.88 8.54 29.55
CA VAL A 284 31.11 8.22 28.81
C VAL A 284 31.86 7.02 29.41
N ARG A 285 32.35 6.10 28.53
CA ARG A 285 33.10 4.89 28.87
C ARG A 285 34.17 4.57 27.81
N VAL A 317 18.62 -1.64 33.87
CA VAL A 317 19.50 -0.65 33.23
C VAL A 317 18.77 0.72 32.98
N LEU A 318 19.41 1.63 32.20
CA LEU A 318 18.98 2.99 31.82
C LEU A 318 17.73 3.15 30.94
N TYR A 319 17.50 2.15 30.04
CA TYR A 319 16.41 2.09 29.07
C TYR A 319 15.75 0.71 29.05
N SER A 320 14.42 0.70 29.21
CA SER A 320 13.60 -0.51 29.18
C SER A 320 12.68 -0.38 27.98
N PRO A 321 12.76 -1.33 27.02
CA PRO A 321 11.93 -1.23 25.83
C PRO A 321 10.44 -1.27 26.09
N GLN A 322 9.98 -2.23 26.96
CA GLN A 322 8.55 -2.35 27.29
C GLN A 322 8.02 -1.08 27.92
N MET A 323 8.89 -0.37 28.68
CA MET A 323 8.59 0.88 29.34
C MET A 323 8.55 2.00 28.29
N ALA A 324 9.53 1.96 27.34
CA ALA A 324 9.71 2.92 26.25
C ALA A 324 8.51 2.89 25.32
N LEU A 325 7.97 1.68 25.09
CA LEU A 325 6.83 1.42 24.24
C LEU A 325 5.53 1.95 24.83
N LYS A 326 5.29 1.75 26.17
CA LYS A 326 4.08 2.23 26.86
C LYS A 326 4.07 3.75 26.78
N LEU A 327 5.24 4.34 26.89
CA LEU A 327 5.40 5.77 26.80
C LEU A 327 5.09 6.27 25.39
N ALA A 328 5.46 5.48 24.34
CA ALA A 328 5.25 5.84 22.93
C ALA A 328 3.79 5.76 22.53
N LEU A 329 3.16 4.59 22.79
CA LEU A 329 1.74 4.29 22.52
C LEU A 329 0.80 5.34 23.15
N THR A 330 1.27 5.98 24.21
CA THR A 330 0.54 7.02 24.93
C THR A 330 0.60 8.32 24.13
N GLU A 331 1.83 8.77 23.82
CA GLU A 331 2.06 9.98 23.05
C GLU A 331 1.47 9.83 21.64
N TRP A 332 1.36 8.57 21.13
CA TRP A 332 0.78 8.27 19.83
C TRP A 332 -0.75 8.41 19.86
N LEU A 333 -1.41 7.82 20.87
CA LEU A 333 -2.88 7.83 21.03
C LEU A 333 -3.55 9.21 20.91
N GLN A 334 -2.78 10.30 21.14
CA GLN A 334 -3.33 11.64 21.04
C GLN A 334 -3.25 12.22 19.62
N GLU A 335 -2.85 11.39 18.64
CA GLU A 335 -2.80 11.76 17.21
C GLU A 335 -4.12 11.27 16.60
N PHE A 336 -4.75 10.31 17.28
CA PHE A 336 -6.03 9.71 16.95
C PHE A 336 -7.12 10.47 17.80
N GLY A 337 -8.05 11.15 17.12
CA GLY A 337 -9.14 11.92 17.75
C GLY A 337 -9.52 13.19 17.03
N MET B 1 -36.65 5.90 20.75
CA MET B 1 -37.62 5.27 19.85
C MET B 1 -37.22 5.44 18.37
N GLU B 2 -36.53 6.55 18.06
CA GLU B 2 -36.03 6.86 16.72
C GLU B 2 -34.69 6.14 16.49
N LYS B 3 -34.14 6.18 15.24
CA LYS B 3 -32.86 5.52 14.93
C LYS B 3 -31.70 6.20 15.65
N PRO B 4 -31.06 5.48 16.61
CA PRO B 4 -29.92 6.06 17.34
C PRO B 4 -28.89 6.55 16.34
N LEU B 5 -28.45 7.80 16.48
CA LEU B 5 -27.49 8.40 15.56
C LEU B 5 -26.13 7.68 15.55
N TYR B 6 -25.39 7.78 14.43
CA TYR B 6 -24.08 7.13 14.30
C TYR B 6 -23.09 7.82 15.21
N THR B 7 -22.37 7.00 15.98
CA THR B 7 -21.32 7.42 16.91
C THR B 7 -20.10 6.52 16.71
N ALA B 8 -18.90 7.06 16.96
CA ALA B 8 -17.63 6.35 16.81
C ALA B 8 -16.88 6.18 18.12
N GLU B 9 -16.75 4.90 18.61
CA GLU B 9 -16.00 4.62 19.85
C GLU B 9 -14.55 5.01 19.52
N PRO B 10 -13.88 5.83 20.35
CA PRO B 10 -12.52 6.24 20.02
C PRO B 10 -11.48 5.14 20.19
N VAL B 11 -10.26 5.41 19.74
CA VAL B 11 -9.18 4.45 19.85
C VAL B 11 -8.69 4.49 21.31
N THR B 12 -8.57 3.30 21.92
CA THR B 12 -8.13 3.15 23.30
C THR B 12 -6.62 2.89 23.26
N LEU B 13 -5.94 2.91 24.44
CA LEU B 13 -4.50 2.62 24.51
C LEU B 13 -4.31 1.12 24.38
N GLU B 14 -5.24 0.36 24.96
CA GLU B 14 -5.26 -1.11 24.95
C GLU B 14 -5.34 -1.65 23.52
N ASP B 15 -5.84 -0.83 22.57
CA ASP B 15 -5.96 -1.13 21.14
C ASP B 15 -4.59 -1.02 20.53
N LEU B 16 -3.90 0.11 20.82
CA LEU B 16 -2.55 0.38 20.35
C LEU B 16 -1.60 -0.71 20.84
N GLN B 17 -1.71 -1.03 22.13
CA GLN B 17 -0.96 -2.07 22.79
C GLN B 17 -1.14 -3.41 22.07
N LEU B 18 -2.36 -3.67 21.55
CA LEU B 18 -2.67 -4.88 20.79
C LEU B 18 -2.04 -4.78 19.38
N LEU B 19 -2.25 -3.62 18.69
CA LEU B 19 -1.75 -3.33 17.34
C LEU B 19 -0.25 -3.54 17.28
N ALA B 20 0.48 -2.84 18.18
CA ALA B 20 1.93 -2.90 18.33
C ALA B 20 2.40 -4.30 18.64
N ASP B 21 1.57 -5.13 19.24
CA ASP B 21 2.00 -6.49 19.52
C ASP B 21 1.81 -7.34 18.30
N LEU B 22 0.85 -6.95 17.43
CA LEU B 22 0.56 -7.70 16.20
C LEU B 22 1.63 -7.47 15.15
N PHE B 23 2.04 -6.19 14.97
CA PHE B 23 3.08 -5.74 14.05
C PHE B 23 4.20 -5.26 14.95
N TYR B 24 4.91 -6.22 15.61
CA TYR B 24 5.94 -5.95 16.60
C TYR B 24 7.36 -5.58 16.06
N LEU B 25 8.26 -6.56 16.03
CA LEU B 25 9.62 -6.31 15.59
C LEU B 25 10.00 -7.35 14.55
N PRO B 26 11.08 -7.10 13.76
CA PRO B 26 11.46 -8.04 12.69
C PRO B 26 11.87 -9.43 13.12
N TYR B 27 12.28 -9.63 14.38
CA TYR B 27 12.72 -10.95 14.86
C TYR B 27 11.91 -11.41 16.09
N GLU B 28 10.85 -10.67 16.43
CA GLU B 28 10.07 -10.99 17.61
C GLU B 28 8.63 -10.61 17.48
N HIS B 29 7.77 -11.54 17.88
CA HIS B 29 6.33 -11.36 17.89
C HIS B 29 5.97 -10.67 19.21
N GLY B 30 4.85 -9.95 19.19
CA GLY B 30 4.37 -9.27 20.37
C GLY B 30 3.74 -10.27 21.31
N PRO B 31 3.90 -10.06 22.65
CA PRO B 31 3.32 -11.01 23.62
C PRO B 31 1.94 -11.57 23.22
N LYS B 32 0.95 -10.66 23.03
CA LYS B 32 -0.43 -10.94 22.65
C LYS B 32 -0.47 -11.75 21.36
N GLY B 33 0.36 -11.35 20.39
CA GLY B 33 0.48 -12.00 19.08
C GLY B 33 0.86 -13.46 19.15
N ALA B 34 2.10 -13.72 19.64
CA ALA B 34 2.68 -15.07 19.79
C ALA B 34 1.75 -15.99 20.60
N GLN B 35 0.93 -15.39 21.51
CA GLN B 35 -0.08 -16.05 22.36
C GLN B 35 -1.25 -16.58 21.49
N MET B 36 -1.87 -15.69 20.66
CA MET B 36 -2.95 -16.04 19.74
C MET B 36 -2.51 -17.16 18.82
N LEU B 37 -1.26 -17.09 18.37
CA LEU B 37 -0.62 -18.04 17.49
C LEU B 37 -0.52 -19.41 18.16
N ARG B 38 -0.13 -19.43 19.45
CA ARG B 38 0.02 -20.65 20.27
C ARG B 38 -1.25 -21.49 20.37
N GLU B 39 -2.38 -20.82 20.70
CA GLU B 39 -3.70 -21.45 20.86
C GLU B 39 -4.17 -22.07 19.56
N PHE B 40 -4.09 -21.32 18.44
CA PHE B 40 -4.51 -21.82 17.12
C PHE B 40 -3.74 -23.08 16.70
N GLN B 41 -2.45 -23.19 17.08
CA GLN B 41 -1.61 -24.35 16.78
C GLN B 41 -2.14 -25.56 17.55
N TRP B 42 -2.50 -25.36 18.84
CA TRP B 42 -3.02 -26.38 19.74
C TRP B 42 -4.42 -26.88 19.34
N LEU B 43 -5.40 -25.96 19.20
CA LEU B 43 -6.79 -26.26 18.82
C LEU B 43 -6.89 -27.05 17.50
N ARG B 44 -5.83 -27.00 16.70
CA ARG B 44 -5.69 -27.69 15.42
C ARG B 44 -5.49 -29.19 15.64
N ALA B 45 -4.52 -29.58 16.50
CA ALA B 45 -4.17 -30.98 16.81
C ALA B 45 -5.34 -31.78 17.40
N ASN B 46 -5.98 -31.22 18.43
CA ASN B 46 -7.09 -31.84 19.13
C ASN B 46 -8.45 -31.37 18.63
N SER B 47 -9.34 -32.34 18.35
CA SER B 47 -10.71 -32.14 17.87
C SER B 47 -11.63 -33.30 18.34
N SER B 48 -12.49 -33.01 19.35
CA SER B 48 -13.42 -33.97 19.94
C SER B 48 -14.81 -33.34 20.10
N GLU B 64 -13.06 -28.82 28.46
CA GLU B 64 -11.98 -27.87 28.76
C GLU B 64 -11.55 -27.09 27.48
N TRP B 65 -11.15 -27.83 26.42
CA TRP B 65 -10.72 -27.36 25.10
C TRP B 65 -11.62 -26.20 24.65
N ARG B 66 -12.95 -26.41 24.72
CA ARG B 66 -14.03 -25.49 24.35
C ARG B 66 -13.99 -24.16 25.10
N SER B 67 -13.50 -24.15 26.36
CA SER B 67 -13.40 -22.92 27.17
C SER B 67 -12.29 -21.99 26.66
N ARG B 68 -11.16 -22.59 26.19
CA ARG B 68 -9.98 -21.91 25.63
C ARG B 68 -10.36 -21.31 24.27
N ALA B 69 -11.09 -22.12 23.46
CA ALA B 69 -11.61 -21.81 22.11
C ALA B 69 -12.55 -20.59 22.15
N ALA B 70 -13.33 -20.46 23.25
CA ALA B 70 -14.25 -19.35 23.46
C ALA B 70 -13.46 -18.09 23.86
N LYS B 71 -12.34 -18.28 24.58
CA LYS B 71 -11.45 -17.21 25.01
C LYS B 71 -10.51 -16.77 23.88
N PHE B 72 -10.37 -17.63 22.83
CA PHE B 72 -9.57 -17.38 21.62
C PHE B 72 -10.38 -16.45 20.73
N GLU B 73 -11.66 -16.83 20.52
CA GLU B 73 -12.68 -16.13 19.73
C GLU B 73 -13.00 -14.77 20.38
N GLU B 74 -12.73 -14.65 21.69
CA GLU B 74 -12.90 -13.44 22.50
C GLU B 74 -11.76 -12.48 22.09
N MET B 75 -10.53 -13.06 21.94
CA MET B 75 -9.29 -12.36 21.56
C MET B 75 -9.32 -11.95 20.09
N CYS B 76 -9.88 -12.84 19.23
CA CYS B 76 -10.04 -12.63 17.78
C CYS B 76 -10.88 -11.37 17.56
N GLY B 77 -12.02 -11.30 18.27
CA GLY B 77 -12.97 -10.19 18.22
C GLY B 77 -12.34 -8.86 18.56
N LEU B 78 -11.35 -8.87 19.48
CA LEU B 78 -10.65 -7.69 19.91
C LEU B 78 -9.81 -7.09 18.81
N VAL B 79 -9.26 -7.94 17.93
CA VAL B 79 -8.48 -7.50 16.78
C VAL B 79 -9.43 -6.76 15.83
N MET B 80 -10.59 -7.40 15.54
CA MET B 80 -11.62 -6.86 14.65
C MET B 80 -12.04 -5.49 15.20
N GLY B 81 -12.46 -5.48 16.47
CA GLY B 81 -12.88 -4.26 17.16
C GLY B 81 -11.80 -3.21 17.08
N MET B 82 -10.54 -3.65 17.26
CA MET B 82 -9.38 -2.76 17.19
C MET B 82 -9.37 -2.06 15.83
N PHE B 83 -9.55 -2.82 14.70
CA PHE B 83 -9.61 -2.25 13.34
C PHE B 83 -10.80 -1.28 13.25
N THR B 84 -11.97 -1.78 13.69
CA THR B 84 -13.26 -1.08 13.72
C THR B 84 -13.10 0.34 14.28
N ARG B 85 -12.45 0.49 15.45
CA ARG B 85 -12.26 1.81 16.07
C ARG B 85 -11.20 2.64 15.38
N LEU B 86 -10.16 1.97 14.86
CA LEU B 86 -9.02 2.57 14.15
C LEU B 86 -9.51 3.28 12.89
N SER B 87 -10.51 2.67 12.23
CA SER B 87 -11.13 3.20 11.02
C SER B 87 -11.97 4.45 11.29
N ASN B 88 -12.95 4.32 12.20
CA ASN B 88 -13.90 5.35 12.59
C ASN B 88 -13.28 6.63 13.19
N CYS B 89 -11.99 6.62 13.60
CA CYS B 89 -11.32 7.79 14.18
C CYS B 89 -11.25 9.03 13.22
N ALA B 90 -10.97 10.23 13.78
CA ALA B 90 -10.88 11.48 13.02
C ALA B 90 -9.69 11.48 12.08
N ASN B 91 -8.52 10.95 12.55
CA ASN B 91 -7.30 10.92 11.73
C ASN B 91 -7.22 9.71 10.82
N ARG B 92 -7.73 9.95 9.63
CA ARG B 92 -7.79 9.01 8.53
C ARG B 92 -6.39 8.82 7.96
N THR B 93 -5.53 9.87 8.07
CA THR B 93 -4.13 9.91 7.63
C THR B 93 -3.32 8.77 8.24
N ILE B 94 -3.41 8.57 9.58
CA ILE B 94 -2.69 7.47 10.24
C ILE B 94 -3.18 6.19 9.64
N LEU B 95 -4.48 5.90 9.81
CA LEU B 95 -5.16 4.70 9.30
C LEU B 95 -4.74 4.29 7.87
N TYR B 96 -4.81 5.22 6.91
CA TYR B 96 -4.46 5.01 5.51
C TYR B 96 -3.09 4.47 5.28
N ASP B 97 -2.06 4.93 6.06
CA ASP B 97 -0.69 4.43 5.93
C ASP B 97 -0.64 2.95 6.28
N MET B 98 -1.38 2.56 7.29
CA MET B 98 -1.35 1.16 7.67
C MET B 98 -2.65 0.44 7.37
N TYR B 99 -3.48 0.97 6.44
CA TYR B 99 -4.76 0.35 6.08
C TYR B 99 -4.55 -1.11 5.68
N SER B 100 -3.61 -1.33 4.74
CA SER B 100 -3.16 -2.60 4.17
C SER B 100 -2.99 -3.67 5.22
N TYR B 101 -2.19 -3.38 6.26
CA TYR B 101 -1.81 -4.21 7.40
C TYR B 101 -2.95 -4.51 8.36
N VAL B 102 -3.64 -3.46 8.80
CA VAL B 102 -4.75 -3.58 9.72
C VAL B 102 -5.90 -4.36 9.06
N TRP B 103 -6.24 -3.98 7.82
CA TRP B 103 -7.30 -4.65 7.06
C TRP B 103 -6.96 -6.11 6.88
N ASP B 104 -5.68 -6.41 6.61
CA ASP B 104 -5.27 -7.78 6.43
C ASP B 104 -5.22 -8.56 7.71
N ILE B 105 -4.98 -7.92 8.86
CA ILE B 105 -4.92 -8.69 10.10
C ILE B 105 -6.35 -8.97 10.59
N LYS B 106 -7.27 -8.00 10.44
CA LYS B 106 -8.66 -8.18 10.85
C LYS B 106 -9.29 -9.28 10.02
N SER B 107 -9.05 -9.28 8.68
CA SER B 107 -9.57 -10.27 7.75
C SER B 107 -9.08 -11.68 8.08
N ILE B 108 -7.75 -11.86 8.29
CA ILE B 108 -7.12 -13.15 8.61
C ILE B 108 -7.62 -13.66 9.96
N MET B 109 -7.98 -12.75 10.88
CA MET B 109 -8.52 -13.13 12.19
C MET B 109 -9.92 -13.70 12.04
N SER B 110 -10.78 -13.06 11.20
CA SER B 110 -12.16 -13.48 10.92
C SER B 110 -12.22 -14.92 10.44
N MET B 111 -11.40 -15.25 9.43
CA MET B 111 -11.33 -16.61 8.89
C MET B 111 -10.66 -17.57 9.90
N VAL B 112 -9.86 -17.05 10.84
CA VAL B 112 -9.23 -17.88 11.87
C VAL B 112 -10.29 -18.22 12.94
N LYS B 113 -11.12 -17.22 13.31
CA LYS B 113 -12.21 -17.34 14.29
C LYS B 113 -13.27 -18.29 13.72
N SER B 114 -13.81 -17.98 12.50
CA SER B 114 -14.83 -18.79 11.82
C SER B 114 -14.40 -20.24 11.48
N PHE B 115 -13.19 -20.63 11.89
CA PHE B 115 -12.62 -21.96 11.69
C PHE B 115 -12.63 -22.69 13.02
N VAL B 116 -12.42 -21.94 14.13
CA VAL B 116 -12.42 -22.44 15.51
C VAL B 116 -13.87 -22.79 15.91
N GLN B 117 -14.84 -21.98 15.43
CA GLN B 117 -16.29 -22.17 15.65
C GLN B 117 -16.75 -23.49 14.98
N TRP B 118 -16.23 -23.78 13.77
CA TRP B 118 -16.50 -24.96 12.96
C TRP B 118 -15.99 -26.26 13.60
N LEU B 119 -14.79 -26.21 14.26
CA LEU B 119 -14.16 -27.38 14.92
C LEU B 119 -14.97 -27.93 16.10
N GLY B 120 -15.48 -27.04 16.95
CA GLY B 120 -16.30 -27.40 18.11
C GLY B 120 -17.67 -27.90 17.70
N CYS B 121 -18.25 -27.25 16.65
CA CYS B 121 -19.55 -27.54 16.07
C CYS B 121 -19.51 -28.84 15.24
N ARG B 122 -19.79 -29.98 15.91
CA ARG B 122 -19.79 -31.33 15.32
C ARG B 122 -21.08 -32.10 15.64
N ARG B 140 -7.62 -16.89 -1.09
CA ARG B 140 -7.12 -15.55 -0.73
C ARG B 140 -5.57 -15.44 -0.89
N GLY B 141 -4.97 -14.40 -0.28
CA GLY B 141 -3.54 -14.12 -0.25
C GLY B 141 -2.80 -13.86 -1.55
N GLY B 142 -3.40 -14.30 -2.66
CA GLY B 142 -2.85 -14.17 -4.01
C GLY B 142 -1.85 -15.25 -4.37
N LEU B 143 -1.32 -15.17 -5.62
CA LEU B 143 -0.34 -16.11 -6.20
C LEU B 143 0.99 -16.06 -5.47
N ALA B 144 1.45 -14.87 -5.07
CA ALA B 144 2.73 -14.74 -4.35
C ALA B 144 2.74 -15.58 -3.07
N GLY B 145 1.59 -15.64 -2.39
CA GLY B 145 1.37 -16.43 -1.18
C GLY B 145 1.33 -17.91 -1.50
N GLU B 146 0.67 -18.26 -2.64
CA GLU B 146 0.55 -19.62 -3.17
C GLU B 146 1.92 -20.22 -3.46
N PHE B 147 2.94 -19.39 -3.67
CA PHE B 147 4.31 -19.85 -3.90
C PHE B 147 4.98 -20.02 -2.55
N GLN B 148 4.84 -19.02 -1.65
CA GLN B 148 5.39 -18.97 -0.29
C GLN B 148 5.06 -20.27 0.47
N ARG B 149 3.76 -20.68 0.43
CA ARG B 149 3.21 -21.89 1.06
C ARG B 149 3.97 -23.18 0.66
N LEU B 150 4.22 -23.41 -0.66
CA LEU B 150 4.93 -24.60 -1.13
C LEU B 150 6.45 -24.44 -1.09
N LEU B 151 6.96 -24.07 0.08
CA LEU B 151 8.36 -23.88 0.43
C LEU B 151 8.52 -24.25 1.93
N PRO B 152 9.71 -24.65 2.44
CA PRO B 152 9.82 -25.02 3.87
C PRO B 152 10.00 -23.83 4.82
N ARG C 3 -31.02 3.69 -27.90
CA ARG C 3 -31.24 3.31 -26.51
C ARG C 3 -30.15 3.87 -25.55
N ARG C 4 -30.54 4.09 -24.28
CA ARG C 4 -29.68 4.63 -23.21
C ARG C 4 -29.09 3.48 -22.37
N PHE C 5 -27.77 3.49 -22.22
CA PHE C 5 -27.06 2.48 -21.45
C PHE C 5 -25.95 3.13 -20.64
N LEU C 6 -26.04 3.04 -19.30
CA LEU C 6 -25.07 3.61 -18.39
C LEU C 6 -23.79 2.78 -18.26
N CYS C 7 -22.81 3.03 -19.10
CA CYS C 7 -21.58 2.27 -19.00
C CYS C 7 -20.41 3.10 -18.52
N GLY C 8 -19.77 2.65 -17.45
CA GLY C 8 -18.65 3.37 -16.86
C GLY C 8 -18.16 2.75 -15.57
N VAL C 9 -17.53 3.58 -14.72
CA VAL C 9 -16.92 3.18 -13.45
C VAL C 9 -17.69 3.67 -12.22
N VAL C 10 -17.87 2.82 -11.19
CA VAL C 10 -18.45 3.28 -9.92
C VAL C 10 -17.31 3.36 -8.91
N GLU C 11 -17.02 4.55 -8.33
CA GLU C 11 -15.97 4.64 -7.32
C GLU C 11 -16.69 4.36 -5.98
N GLY C 12 -17.07 3.10 -5.73
CA GLY C 12 -17.81 2.67 -4.55
C GLY C 12 -17.12 1.72 -3.59
N PHE C 13 -15.80 1.79 -3.48
CA PHE C 13 -15.04 0.91 -2.59
C PHE C 13 -14.78 1.52 -1.22
N TYR C 14 -14.39 0.66 -0.23
CA TYR C 14 -14.02 1.09 1.13
C TYR C 14 -12.53 1.42 1.06
N GLY C 15 -12.08 2.45 1.75
CA GLY C 15 -10.67 2.82 1.70
C GLY C 15 -10.43 4.24 1.23
N ARG C 16 -9.13 4.64 1.20
CA ARG C 16 -8.69 5.98 0.79
C ARG C 16 -9.25 6.34 -0.55
N PRO C 17 -10.22 7.30 -0.63
CA PRO C 17 -10.80 7.62 -1.95
C PRO C 17 -9.85 8.37 -2.86
N TRP C 18 -10.19 8.37 -4.15
CA TRP C 18 -9.41 8.99 -5.19
C TRP C 18 -9.35 10.51 -5.04
N VAL C 19 -8.43 11.17 -5.72
CA VAL C 19 -8.31 12.62 -5.64
C VAL C 19 -8.80 13.28 -6.95
N MET C 20 -9.16 14.58 -6.89
CA MET C 20 -9.67 15.31 -8.06
C MET C 20 -8.84 15.04 -9.34
N GLU C 21 -7.49 15.10 -9.28
CA GLU C 21 -6.68 14.91 -10.48
C GLU C 21 -6.70 13.47 -11.04
N GLN C 22 -7.01 12.46 -10.18
CA GLN C 22 -7.13 11.05 -10.59
C GLN C 22 -8.47 10.90 -11.28
N ARG C 23 -9.53 11.44 -10.63
CA ARG C 23 -10.93 11.46 -11.08
C ARG C 23 -11.01 12.16 -12.43
N LYS C 24 -10.27 13.26 -12.59
CA LYS C 24 -10.20 14.01 -13.83
C LYS C 24 -9.65 13.09 -14.91
N GLU C 25 -8.46 12.47 -14.68
CA GLU C 25 -7.84 11.52 -15.61
C GLU C 25 -8.75 10.32 -15.91
N LEU C 26 -9.59 9.92 -14.93
CA LEU C 26 -10.53 8.83 -15.13
C LEU C 26 -11.49 9.21 -16.27
N PHE C 27 -12.02 10.46 -16.23
CA PHE C 27 -12.94 11.01 -17.23
C PHE C 27 -12.32 11.02 -18.62
N ARG C 28 -11.04 11.45 -18.72
CA ARG C 28 -10.28 11.51 -19.99
C ARG C 28 -10.28 10.10 -20.61
N ARG C 29 -9.91 9.11 -19.77
CA ARG C 29 -9.86 7.70 -20.12
C ARG C 29 -11.22 7.19 -20.51
N LEU C 30 -12.24 7.48 -19.69
CA LEU C 30 -13.62 7.06 -19.91
C LEU C 30 -14.18 7.57 -21.24
N GLN C 31 -13.87 8.86 -21.55
CA GLN C 31 -14.27 9.55 -22.77
C GLN C 31 -13.56 8.86 -23.95
N LYS C 32 -12.22 8.73 -23.86
CA LYS C 32 -11.40 8.05 -24.87
C LYS C 32 -11.96 6.67 -25.20
N TRP C 33 -12.41 5.89 -24.21
CA TRP C 33 -12.88 4.53 -24.48
C TRP C 33 -14.38 4.43 -24.78
N GLU C 34 -15.01 5.58 -25.07
CA GLU C 34 -16.42 5.69 -25.44
C GLU C 34 -17.38 5.26 -24.31
N LEU C 35 -16.93 5.34 -23.04
CA LEU C 35 -17.80 5.01 -21.92
C LEU C 35 -18.45 6.32 -21.51
N ASN C 36 -19.69 6.28 -21.00
CA ASN C 36 -20.42 7.50 -20.65
C ASN C 36 -20.58 7.90 -19.18
N THR C 37 -20.96 7.00 -18.28
CA THR C 37 -21.22 7.30 -16.88
C THR C 37 -20.00 7.39 -15.95
N TYR C 38 -20.29 7.79 -14.68
CA TYR C 38 -19.41 7.86 -13.52
C TYR C 38 -20.24 8.02 -12.26
N LEU C 39 -20.24 7.00 -11.37
CA LEU C 39 -21.00 7.10 -10.12
C LEU C 39 -20.11 7.33 -8.91
N TYR C 40 -20.31 8.47 -8.24
CA TYR C 40 -19.57 8.90 -7.05
C TYR C 40 -20.17 8.22 -5.83
N ALA C 41 -19.47 7.18 -5.29
CA ALA C 41 -19.89 6.41 -4.10
C ALA C 41 -18.74 6.08 -3.07
N PRO C 42 -17.64 6.88 -2.95
CA PRO C 42 -16.58 6.53 -2.00
C PRO C 42 -17.09 6.25 -0.61
N LYS C 43 -17.04 4.98 -0.18
CA LYS C 43 -17.52 4.59 1.15
C LYS C 43 -16.90 5.42 2.26
N ASP C 44 -15.61 5.86 2.11
CA ASP C 44 -15.02 6.69 3.14
C ASP C 44 -15.71 8.05 3.23
N ASP C 45 -15.56 8.96 2.21
CA ASP C 45 -16.15 10.33 2.22
C ASP C 45 -17.23 10.43 3.27
N TYR C 46 -16.85 10.99 4.42
CA TYR C 46 -17.71 11.15 5.57
C TYR C 46 -19.11 11.63 5.18
N LYS C 47 -19.17 12.71 4.36
CA LYS C 47 -20.37 13.34 3.82
C LYS C 47 -20.94 12.54 2.64
N HIS C 48 -21.13 11.22 2.85
CA HIS C 48 -21.70 10.28 1.90
C HIS C 48 -22.27 9.11 2.67
N ARG C 49 -21.59 8.64 3.72
CA ARG C 49 -22.10 7.46 4.41
C ARG C 49 -22.49 7.66 5.89
N MET C 50 -21.50 7.95 6.75
CA MET C 50 -21.71 8.10 8.17
C MET C 50 -22.27 9.45 8.54
N PHE C 51 -21.54 10.51 8.13
CA PHE C 51 -21.86 11.92 8.38
C PHE C 51 -22.54 12.51 7.12
N TRP C 52 -23.48 11.75 6.51
CA TRP C 52 -24.18 12.15 5.30
C TRP C 52 -24.88 13.48 5.39
N ARG C 53 -25.51 13.75 6.56
CA ARG C 53 -26.27 14.96 6.88
C ARG C 53 -25.48 16.24 6.70
N GLU C 54 -24.17 16.17 7.01
CA GLU C 54 -23.22 17.28 6.93
C GLU C 54 -23.16 17.92 5.56
N MET C 55 -23.20 19.25 5.54
CA MET C 55 -23.13 20.02 4.31
C MET C 55 -21.65 20.17 3.98
N TYR C 56 -21.33 20.19 2.69
CA TYR C 56 -19.94 20.34 2.25
C TYR C 56 -19.33 21.69 2.62
N SER C 57 -18.01 21.74 2.85
CA SER C 57 -17.31 22.98 3.18
C SER C 57 -17.28 23.90 1.97
N VAL C 58 -16.74 25.09 2.16
CA VAL C 58 -16.62 26.13 1.15
C VAL C 58 -15.65 25.72 0.03
N GLU C 59 -14.50 25.11 0.43
CA GLU C 59 -13.46 24.62 -0.47
C GLU C 59 -13.86 23.28 -1.05
N GLU C 60 -14.52 22.41 -0.23
CA GLU C 60 -15.02 21.10 -0.64
C GLU C 60 -15.93 21.32 -1.84
N ALA C 61 -16.84 22.29 -1.69
CA ALA C 61 -17.82 22.74 -2.67
C ALA C 61 -17.14 23.11 -3.99
N GLU C 62 -16.18 24.06 -3.93
CA GLU C 62 -15.40 24.54 -5.08
C GLU C 62 -14.76 23.40 -5.86
N GLN C 63 -14.20 22.41 -5.14
CA GLN C 63 -13.54 21.23 -5.70
C GLN C 63 -14.55 20.38 -6.46
N LEU C 64 -15.63 19.97 -5.78
CA LEU C 64 -16.72 19.17 -6.37
C LEU C 64 -17.27 19.85 -7.62
N MET C 65 -17.45 21.19 -7.57
CA MET C 65 -17.94 22.02 -8.67
C MET C 65 -17.00 21.83 -9.85
N THR C 66 -15.69 22.14 -9.64
CA THR C 66 -14.58 21.99 -10.61
C THR C 66 -14.57 20.56 -11.20
N LEU C 67 -14.88 19.56 -10.36
CA LEU C 67 -14.97 18.14 -10.70
C LEU C 67 -16.17 17.84 -11.61
N ILE C 68 -17.39 18.26 -11.18
CA ILE C 68 -18.63 18.07 -11.91
C ILE C 68 -18.51 18.72 -13.30
N SER C 69 -17.87 19.92 -13.35
CA SER C 69 -17.58 20.71 -14.55
C SER C 69 -16.63 19.95 -15.47
N ALA C 70 -15.66 19.25 -14.88
CA ALA C 70 -14.71 18.44 -15.63
C ALA C 70 -15.39 17.20 -16.22
N ALA C 71 -16.46 16.69 -15.55
CA ALA C 71 -17.18 15.53 -16.05
C ALA C 71 -17.87 15.91 -17.36
N ARG C 72 -18.52 17.12 -17.40
CA ARG C 72 -19.21 17.70 -18.56
C ARG C 72 -18.22 17.88 -19.71
N GLU C 73 -17.09 18.57 -19.45
CA GLU C 73 -16.00 18.84 -20.40
C GLU C 73 -15.55 17.56 -21.15
N TYR C 74 -15.48 16.45 -20.39
CA TYR C 74 -15.08 15.14 -20.85
C TYR C 74 -16.25 14.25 -21.23
N GLU C 75 -17.43 14.84 -21.48
CA GLU C 75 -18.62 14.12 -21.94
C GLU C 75 -18.99 12.92 -21.07
N ILE C 76 -18.89 13.09 -19.73
CA ILE C 76 -19.18 12.06 -18.73
C ILE C 76 -20.37 12.47 -17.85
N GLU C 77 -21.27 11.51 -17.65
CA GLU C 77 -22.47 11.58 -16.84
C GLU C 77 -22.08 11.50 -15.38
N PHE C 78 -22.22 12.60 -14.62
CA PHE C 78 -21.86 12.59 -13.21
C PHE C 78 -23.05 12.26 -12.35
N ILE C 79 -22.94 11.15 -11.58
CA ILE C 79 -24.00 10.69 -10.67
C ILE C 79 -23.54 10.85 -9.25
N TYR C 80 -24.33 11.52 -8.44
CA TYR C 80 -23.93 11.71 -7.05
C TYR C 80 -24.76 10.80 -6.19
N ALA C 81 -24.07 9.92 -5.45
CA ALA C 81 -24.72 8.98 -4.55
C ALA C 81 -24.55 9.41 -3.12
N ILE C 82 -25.57 9.08 -2.32
CA ILE C 82 -25.61 9.33 -0.88
C ILE C 82 -26.19 8.07 -0.26
N SER C 83 -25.52 7.58 0.81
CA SER C 83 -25.89 6.38 1.56
C SER C 83 -26.34 6.78 2.99
N PRO C 84 -27.67 7.00 3.20
CA PRO C 84 -28.14 7.37 4.54
C PRO C 84 -28.23 6.18 5.49
N GLY C 85 -28.90 5.11 5.03
CA GLY C 85 -29.17 3.79 5.63
C GLY C 85 -28.83 3.46 7.08
N LEU C 86 -27.63 3.87 7.52
CA LEU C 86 -27.08 3.68 8.87
C LEU C 86 -27.99 4.14 10.01
N ASP C 87 -27.89 5.46 10.33
CA ASP C 87 -28.57 6.19 11.40
C ASP C 87 -29.81 7.01 10.96
N ILE C 88 -30.27 6.89 9.71
CA ILE C 88 -31.43 7.64 9.24
C ILE C 88 -32.76 7.06 9.79
N THR C 89 -33.67 7.98 10.19
CA THR C 89 -35.01 7.69 10.70
C THR C 89 -35.92 8.05 9.54
N PHE C 90 -36.42 7.00 8.88
CA PHE C 90 -37.27 7.02 7.68
C PHE C 90 -38.61 7.75 7.83
N SER C 91 -39.14 7.87 9.07
CA SER C 91 -40.42 8.53 9.37
C SER C 91 -40.30 9.99 9.88
N ASN C 92 -39.12 10.41 10.43
CA ASN C 92 -38.91 11.77 10.91
C ASN C 92 -38.76 12.67 9.68
N PRO C 93 -39.71 13.60 9.44
CA PRO C 93 -39.61 14.47 8.25
C PRO C 93 -38.44 15.44 8.30
N LYS C 94 -37.83 15.62 9.50
CA LYS C 94 -36.67 16.47 9.71
C LYS C 94 -35.50 15.81 8.97
N GLU C 95 -35.39 14.45 9.11
CA GLU C 95 -34.38 13.59 8.47
C GLU C 95 -34.56 13.73 6.98
N VAL C 96 -35.79 13.43 6.48
CA VAL C 96 -36.16 13.53 5.07
C VAL C 96 -35.83 14.92 4.55
N SER C 97 -36.14 15.97 5.35
CA SER C 97 -35.84 17.35 4.96
C SER C 97 -34.32 17.55 4.85
N THR C 98 -33.54 17.11 5.87
CA THR C 98 -32.07 17.22 5.90
C THR C 98 -31.45 16.49 4.68
N LEU C 99 -32.06 15.36 4.24
CA LEU C 99 -31.60 14.60 3.06
C LEU C 99 -31.84 15.46 1.81
N LYS C 100 -33.05 16.06 1.72
CA LYS C 100 -33.49 16.97 0.65
C LYS C 100 -32.51 18.17 0.57
N ARG C 101 -32.19 18.81 1.74
CA ARG C 101 -31.27 19.97 1.84
C ARG C 101 -29.87 19.64 1.33
N LYS C 102 -29.40 18.40 1.63
CA LYS C 102 -28.08 17.90 1.22
C LYS C 102 -27.93 17.81 -0.29
N LEU C 103 -28.92 17.21 -0.97
CA LEU C 103 -28.92 17.06 -2.42
C LEU C 103 -29.10 18.37 -3.18
N ASP C 104 -29.79 19.37 -2.54
CA ASP C 104 -30.03 20.70 -3.08
C ASP C 104 -28.71 21.38 -3.34
N GLN C 105 -27.78 21.21 -2.40
CA GLN C 105 -26.41 21.73 -2.42
C GLN C 105 -25.63 21.11 -3.55
N VAL C 106 -25.90 19.84 -3.81
CA VAL C 106 -25.24 19.10 -4.87
C VAL C 106 -25.72 19.67 -6.20
N SER C 107 -27.06 19.87 -6.34
CA SER C 107 -27.67 20.43 -7.55
C SER C 107 -27.04 21.79 -7.88
N GLN C 108 -26.70 22.58 -6.82
CA GLN C 108 -26.05 23.91 -6.94
C GLN C 108 -24.73 23.83 -7.70
N PHE C 109 -23.92 22.76 -7.45
CA PHE C 109 -22.62 22.53 -8.07
C PHE C 109 -22.67 22.23 -9.55
N GLY C 110 -23.80 21.71 -10.02
CA GLY C 110 -23.97 21.41 -11.44
C GLY C 110 -24.39 19.99 -11.77
N CYS C 111 -24.56 19.17 -10.71
CA CYS C 111 -24.97 17.77 -10.81
C CYS C 111 -26.45 17.68 -11.05
N ARG C 112 -26.82 16.78 -11.98
CA ARG C 112 -28.19 16.55 -12.39
C ARG C 112 -28.67 15.11 -12.10
N SER C 113 -27.72 14.15 -12.02
CA SER C 113 -27.98 12.72 -11.79
C SER C 113 -27.62 12.27 -10.37
N PHE C 114 -28.60 11.66 -9.68
CA PHE C 114 -28.46 11.22 -8.30
C PHE C 114 -28.64 9.72 -8.11
N ALA C 115 -28.30 9.25 -6.89
CA ALA C 115 -28.38 7.86 -6.46
C ALA C 115 -28.52 7.74 -4.95
N LEU C 116 -29.56 7.01 -4.56
CA LEU C 116 -29.82 6.73 -3.16
C LEU C 116 -29.37 5.29 -2.92
N LEU C 117 -28.31 5.13 -2.11
CA LEU C 117 -27.73 3.82 -1.82
C LEU C 117 -28.11 3.25 -0.47
N PHE C 118 -28.55 1.98 -0.45
CA PHE C 118 -28.96 1.28 0.78
C PHE C 118 -28.26 -0.08 0.97
N ASP C 119 -27.02 -0.18 0.49
CA ASP C 119 -26.17 -1.36 0.57
C ASP C 119 -25.41 -1.35 1.89
N ASP C 120 -25.18 -2.56 2.46
CA ASP C 120 -24.42 -2.80 3.69
C ASP C 120 -24.98 -2.10 4.93
N ILE C 121 -26.26 -2.32 5.19
CA ILE C 121 -26.94 -1.76 6.35
C ILE C 121 -27.86 -2.80 7.01
N ASP C 122 -27.97 -2.71 8.36
CA ASP C 122 -28.81 -3.56 9.18
C ASP C 122 -30.23 -3.61 8.59
N HIS C 123 -30.77 -4.81 8.37
CA HIS C 123 -32.10 -5.02 7.79
C HIS C 123 -33.28 -4.58 8.74
N ASN C 124 -32.96 -3.83 9.84
CA ASN C 124 -33.95 -3.38 10.83
C ASN C 124 -34.21 -1.88 10.88
N MET C 125 -35.52 -1.53 10.96
CA MET C 125 -36.04 -0.15 11.09
C MET C 125 -36.23 0.10 12.60
N CYS C 126 -36.03 1.35 13.06
CA CYS C 126 -36.20 1.69 14.48
C CYS C 126 -37.69 1.62 14.85
N ALA C 127 -38.00 1.72 16.18
CA ALA C 127 -39.37 1.68 16.72
C ALA C 127 -40.33 2.69 16.06
N ALA C 128 -39.80 3.85 15.64
CA ALA C 128 -40.57 4.90 14.96
C ALA C 128 -40.96 4.46 13.55
N ASP C 129 -39.96 4.05 12.73
CA ASP C 129 -40.13 3.59 11.34
C ASP C 129 -40.94 2.30 11.29
N LYS C 130 -40.80 1.41 12.30
CA LYS C 130 -41.54 0.14 12.42
C LYS C 130 -43.04 0.44 12.44
N GLU C 131 -43.44 1.47 13.23
CA GLU C 131 -44.81 1.96 13.41
C GLU C 131 -45.38 2.58 12.13
N VAL C 132 -44.61 3.50 11.51
CA VAL C 132 -44.99 4.24 10.30
C VAL C 132 -45.05 3.35 9.02
N PHE C 133 -43.99 2.56 8.73
CA PHE C 133 -43.90 1.71 7.51
C PHE C 133 -44.09 0.19 7.72
N SER C 134 -44.74 -0.48 6.73
CA SER C 134 -45.03 -1.92 6.71
C SER C 134 -43.74 -2.74 6.91
N SER C 135 -42.92 -2.87 5.86
CA SER C 135 -41.64 -3.58 5.89
C SER C 135 -40.47 -2.62 5.61
N PHE C 136 -39.21 -3.12 5.73
CA PHE C 136 -37.99 -2.35 5.51
C PHE C 136 -37.87 -1.81 4.06
N ALA C 137 -38.46 -2.53 3.08
CA ALA C 137 -38.46 -2.12 1.68
C ALA C 137 -39.39 -0.92 1.53
N HIS C 138 -40.56 -0.96 2.22
CA HIS C 138 -41.56 0.12 2.20
C HIS C 138 -41.00 1.46 2.64
N ALA C 139 -40.19 1.45 3.71
CA ALA C 139 -39.59 2.66 4.22
C ALA C 139 -38.59 3.25 3.24
N GLN C 140 -37.73 2.40 2.63
CA GLN C 140 -36.72 2.84 1.67
C GLN C 140 -37.39 3.42 0.45
N VAL C 141 -38.33 2.67 -0.15
CA VAL C 141 -39.12 3.06 -1.33
C VAL C 141 -39.82 4.42 -1.09
N SER C 142 -40.43 4.60 0.11
CA SER C 142 -41.12 5.85 0.50
C SER C 142 -40.22 7.09 0.31
N ILE C 143 -39.04 7.08 0.95
CA ILE C 143 -38.08 8.18 0.92
C ILE C 143 -37.38 8.28 -0.44
N THR C 144 -37.13 7.15 -1.12
CA THR C 144 -36.50 7.16 -2.44
C THR C 144 -37.38 7.88 -3.44
N ASN C 145 -38.67 7.49 -3.50
CA ASN C 145 -39.64 8.11 -4.42
C ASN C 145 -39.84 9.59 -4.06
N GLU C 146 -39.93 9.90 -2.76
CA GLU C 146 -40.08 11.27 -2.28
C GLU C 146 -38.91 12.13 -2.78
N ILE C 147 -37.65 11.63 -2.68
CA ILE C 147 -36.46 12.35 -3.17
C ILE C 147 -36.46 12.38 -4.71
N TYR C 148 -36.89 11.29 -5.38
CA TYR C 148 -36.93 11.26 -6.84
C TYR C 148 -37.87 12.38 -7.33
N GLN C 149 -39.00 12.57 -6.61
CA GLN C 149 -40.01 13.58 -6.91
C GLN C 149 -39.55 14.95 -6.46
N TYR C 150 -39.04 15.09 -5.23
CA TYR C 150 -38.54 16.37 -4.73
C TYR C 150 -37.48 16.96 -5.69
N LEU C 151 -36.65 16.10 -6.31
CA LEU C 151 -35.62 16.53 -7.26
C LEU C 151 -36.15 16.77 -8.68
N GLY C 152 -37.47 16.73 -8.83
CA GLY C 152 -38.14 16.94 -10.09
C GLY C 152 -37.88 15.82 -11.08
N GLU C 153 -38.05 14.57 -10.59
CA GLU C 153 -37.90 13.30 -11.31
C GLU C 153 -36.75 13.29 -12.34
N PRO C 154 -35.46 13.22 -11.88
CA PRO C 154 -34.33 13.24 -12.85
C PRO C 154 -34.35 12.12 -13.87
N GLU C 155 -33.62 12.31 -14.98
CA GLU C 155 -33.52 11.33 -16.07
C GLU C 155 -32.71 10.12 -15.55
N THR C 156 -31.67 10.43 -14.72
CA THR C 156 -30.80 9.43 -14.12
C THR C 156 -30.96 9.44 -12.60
N PHE C 157 -31.65 8.42 -12.07
CA PHE C 157 -31.86 8.24 -10.63
C PHE C 157 -31.72 6.76 -10.28
N LEU C 158 -30.62 6.42 -9.59
CA LEU C 158 -30.27 5.05 -9.22
C LEU C 158 -30.63 4.72 -7.80
N PHE C 159 -30.99 3.46 -7.58
CA PHE C 159 -31.35 2.98 -6.26
C PHE C 159 -30.65 1.65 -6.02
N CYS C 160 -29.80 1.56 -4.98
CA CYS C 160 -29.17 0.29 -4.66
C CYS C 160 -29.96 -0.29 -3.49
N PRO C 161 -30.48 -1.52 -3.61
CA PRO C 161 -31.22 -2.10 -2.50
C PRO C 161 -30.25 -2.71 -1.49
N THR C 162 -30.76 -3.25 -0.37
CA THR C 162 -29.90 -3.88 0.62
C THR C 162 -29.60 -5.32 0.12
N GLU C 163 -30.61 -5.91 -0.57
CA GLU C 163 -30.58 -7.21 -1.20
C GLU C 163 -30.22 -6.89 -2.65
N TYR C 164 -28.92 -6.58 -2.88
CA TYR C 164 -28.34 -6.19 -4.17
C TYR C 164 -27.75 -7.34 -5.03
N CYS C 165 -27.74 -8.57 -4.50
CA CYS C 165 -27.23 -9.76 -5.19
C CYS C 165 -28.11 -10.96 -4.88
N GLY C 166 -27.84 -12.10 -5.53
CA GLY C 166 -28.60 -13.33 -5.34
C GLY C 166 -28.57 -13.89 -3.94
N THR C 167 -27.35 -14.14 -3.42
CA THR C 167 -27.07 -14.70 -2.09
C THR C 167 -27.96 -14.01 -1.04
N PHE C 168 -27.81 -12.69 -0.89
CA PHE C 168 -28.50 -11.78 0.04
C PHE C 168 -30.05 -11.80 0.00
N CYS C 169 -30.67 -12.60 -0.89
CA CYS C 169 -32.12 -12.69 -0.99
C CYS C 169 -32.69 -13.91 -0.27
N TYR C 170 -33.69 -13.66 0.57
CA TYR C 170 -34.38 -14.67 1.37
C TYR C 170 -35.89 -14.50 1.17
N PRO C 171 -36.62 -15.56 0.77
CA PRO C 171 -36.18 -16.96 0.52
C PRO C 171 -35.17 -17.16 -0.62
N ASN C 172 -35.31 -16.35 -1.67
CA ASN C 172 -34.51 -16.32 -2.90
C ASN C 172 -35.01 -15.14 -3.76
N VAL C 173 -34.26 -14.79 -4.83
CA VAL C 173 -34.57 -13.67 -5.76
C VAL C 173 -36.04 -13.73 -6.28
N SER C 174 -36.47 -14.86 -6.88
CA SER C 174 -37.83 -14.99 -7.42
C SER C 174 -38.97 -14.93 -6.38
N GLN C 175 -38.68 -15.16 -5.08
CA GLN C 175 -39.70 -15.16 -4.03
C GLN C 175 -39.43 -14.22 -2.83
N SER C 176 -38.46 -13.27 -2.94
CA SER C 176 -38.18 -12.33 -1.84
C SER C 176 -39.24 -11.25 -1.75
N PRO C 177 -39.83 -11.05 -0.54
CA PRO C 177 -40.87 -10.02 -0.41
C PRO C 177 -40.30 -8.62 -0.34
N TYR C 178 -38.97 -8.52 -0.17
CA TYR C 178 -38.23 -7.27 -0.13
C TYR C 178 -38.17 -6.74 -1.57
N LEU C 179 -37.66 -7.59 -2.52
CA LEU C 179 -37.54 -7.25 -3.95
C LEU C 179 -38.89 -7.01 -4.58
N ARG C 180 -39.92 -7.74 -4.10
CA ARG C 180 -41.30 -7.64 -4.56
C ARG C 180 -41.81 -6.21 -4.35
N THR C 181 -41.67 -5.70 -3.11
CA THR C 181 -42.07 -4.34 -2.69
C THR C 181 -41.29 -3.27 -3.49
N VAL C 182 -39.98 -3.52 -3.72
CA VAL C 182 -39.09 -2.65 -4.50
C VAL C 182 -39.62 -2.57 -5.94
N GLY C 183 -39.76 -3.72 -6.59
CA GLY C 183 -40.27 -3.81 -7.96
C GLY C 183 -41.65 -3.21 -8.14
N GLU C 184 -42.55 -3.46 -7.16
CA GLU C 184 -43.95 -2.98 -7.16
C GLU C 184 -44.13 -1.50 -6.85
N LYS C 185 -43.68 -1.04 -5.65
CA LYS C 185 -43.88 0.35 -5.23
C LYS C 185 -42.84 1.37 -5.71
N LEU C 186 -41.65 0.95 -6.16
CA LEU C 186 -40.64 1.91 -6.68
C LEU C 186 -41.06 2.36 -8.09
N LEU C 187 -40.99 3.69 -8.35
CA LEU C 187 -41.35 4.31 -9.63
C LEU C 187 -40.52 3.72 -10.77
N PRO C 188 -41.11 3.45 -11.94
CA PRO C 188 -40.31 2.88 -13.05
C PRO C 188 -39.16 3.77 -13.55
N GLY C 189 -39.24 5.07 -13.24
CA GLY C 189 -38.21 6.04 -13.62
C GLY C 189 -36.90 5.76 -12.91
N ILE C 190 -36.98 5.37 -11.61
CA ILE C 190 -35.87 5.04 -10.71
C ILE C 190 -35.27 3.69 -11.12
N GLU C 191 -33.94 3.67 -11.37
CA GLU C 191 -33.19 2.48 -11.77
C GLU C 191 -32.76 1.67 -10.55
N VAL C 192 -32.46 0.37 -10.75
CA VAL C 192 -32.04 -0.49 -9.64
C VAL C 192 -30.65 -1.08 -9.86
N LEU C 193 -29.78 -0.96 -8.84
CA LEU C 193 -28.44 -1.52 -8.90
C LEU C 193 -28.46 -2.99 -8.48
N TRP C 194 -27.61 -3.79 -9.13
CA TRP C 194 -27.46 -5.22 -8.94
C TRP C 194 -25.98 -5.57 -9.01
N THR C 195 -25.54 -6.61 -8.28
CA THR C 195 -24.14 -7.05 -8.24
C THR C 195 -23.98 -8.45 -8.81
N GLY C 196 -25.11 -8.99 -9.30
CA GLY C 196 -25.23 -10.32 -9.88
C GLY C 196 -25.66 -11.34 -8.85
N PRO C 197 -25.40 -12.63 -9.06
CA PRO C 197 -25.81 -13.64 -8.08
C PRO C 197 -25.00 -13.66 -6.75
N LYS C 198 -23.92 -12.87 -6.64
CA LYS C 198 -23.06 -12.76 -5.46
C LYS C 198 -22.57 -11.31 -5.29
N VAL C 199 -21.75 -11.01 -4.25
CA VAL C 199 -21.23 -9.65 -4.09
C VAL C 199 -20.19 -9.46 -5.20
N VAL C 200 -19.14 -10.32 -5.23
CA VAL C 200 -18.11 -10.31 -6.28
C VAL C 200 -18.57 -11.47 -7.20
N SER C 201 -19.51 -11.22 -8.12
CA SER C 201 -19.98 -12.30 -8.99
C SER C 201 -18.88 -12.89 -9.85
N LYS C 202 -18.85 -14.24 -9.97
CA LYS C 202 -17.84 -14.92 -10.77
C LYS C 202 -18.34 -14.83 -12.19
N GLU C 203 -19.65 -15.07 -12.33
CA GLU C 203 -20.37 -15.07 -13.59
C GLU C 203 -21.72 -14.43 -13.40
N ILE C 204 -22.21 -13.77 -14.43
CA ILE C 204 -23.53 -13.19 -14.37
C ILE C 204 -24.31 -13.85 -15.53
N PRO C 205 -24.94 -15.02 -15.27
CA PRO C 205 -25.69 -15.70 -16.34
C PRO C 205 -26.93 -14.90 -16.73
N VAL C 206 -27.32 -14.96 -18.00
CA VAL C 206 -28.48 -14.22 -18.54
C VAL C 206 -29.78 -14.55 -17.77
N GLU C 207 -29.97 -15.84 -17.44
CA GLU C 207 -31.14 -16.32 -16.69
C GLU C 207 -31.18 -15.67 -15.29
N SER C 208 -29.97 -15.38 -14.70
CA SER C 208 -29.82 -14.74 -13.39
C SER C 208 -30.37 -13.32 -13.45
N ILE C 209 -30.11 -12.63 -14.57
CA ILE C 209 -30.61 -11.28 -14.78
C ILE C 209 -32.09 -11.40 -15.07
N GLU C 210 -32.49 -12.36 -15.92
CA GLU C 210 -33.89 -12.58 -16.24
C GLU C 210 -34.75 -12.80 -14.98
N GLU C 211 -34.18 -13.51 -13.96
CA GLU C 211 -34.83 -13.81 -12.68
C GLU C 211 -35.07 -12.55 -11.85
N VAL C 212 -34.05 -11.67 -11.75
CA VAL C 212 -34.15 -10.45 -10.96
C VAL C 212 -34.95 -9.38 -11.71
N SER C 213 -34.77 -9.25 -13.04
CA SER C 213 -35.50 -8.30 -13.88
C SER C 213 -36.97 -8.51 -13.66
N LYS C 214 -37.37 -9.80 -13.54
CA LYS C 214 -38.72 -10.31 -13.34
C LYS C 214 -39.37 -9.78 -12.04
N ILE C 215 -38.64 -9.81 -10.93
CA ILE C 215 -39.15 -9.36 -9.63
C ILE C 215 -38.98 -7.84 -9.46
N ILE C 216 -37.82 -7.28 -9.89
CA ILE C 216 -37.60 -5.83 -9.79
C ILE C 216 -38.41 -5.12 -10.87
N LYS C 217 -39.06 -5.93 -11.74
CA LYS C 217 -39.94 -5.54 -12.85
C LYS C 217 -39.29 -4.43 -13.71
N ARG C 218 -37.98 -4.61 -14.06
CA ARG C 218 -37.15 -3.70 -14.89
C ARG C 218 -35.73 -4.23 -15.08
N ALA C 219 -35.03 -3.75 -16.14
CA ALA C 219 -33.64 -4.12 -16.43
C ALA C 219 -32.73 -3.45 -15.37
N PRO C 220 -31.82 -4.23 -14.77
CA PRO C 220 -30.96 -3.65 -13.73
C PRO C 220 -29.71 -2.98 -14.24
N VAL C 221 -29.09 -2.17 -13.40
CA VAL C 221 -27.84 -1.47 -13.68
C VAL C 221 -26.83 -2.25 -12.86
N ILE C 222 -25.85 -2.86 -13.52
CA ILE C 222 -24.90 -3.67 -12.79
C ILE C 222 -23.77 -2.90 -12.15
N TRP C 223 -23.65 -3.12 -10.84
CA TRP C 223 -22.58 -2.63 -9.99
C TRP C 223 -21.64 -3.86 -10.10
N ASP C 224 -20.45 -3.70 -10.72
CA ASP C 224 -19.61 -4.86 -10.89
C ASP C 224 -18.37 -4.87 -10.00
N ASN C 225 -18.39 -5.81 -9.02
CA ASN C 225 -17.32 -5.97 -8.05
C ASN C 225 -16.21 -6.91 -8.52
N ILE C 226 -16.28 -7.36 -9.79
CA ILE C 226 -15.30 -8.25 -10.41
C ILE C 226 -13.83 -7.77 -10.21
N HIS C 227 -13.59 -6.48 -10.32
CA HIS C 227 -12.24 -5.97 -10.14
C HIS C 227 -12.10 -5.25 -8.81
N ALA C 228 -13.14 -5.35 -7.94
CA ALA C 228 -13.11 -4.72 -6.62
C ALA C 228 -12.05 -5.43 -5.82
N ASN C 229 -11.27 -4.68 -5.03
CA ASN C 229 -10.22 -5.31 -4.25
C ASN C 229 -10.14 -4.81 -2.81
N ASP C 230 -11.15 -4.04 -2.32
CA ASP C 230 -11.10 -3.53 -0.95
C ASP C 230 -10.94 -4.65 0.11
N TYR C 231 -11.68 -5.81 -0.04
CA TYR C 231 -11.71 -7.01 0.82
C TYR C 231 -10.38 -7.79 1.07
N ASP C 232 -9.26 -7.41 0.37
CA ASP C 232 -7.90 -7.98 0.46
C ASP C 232 -6.82 -7.06 -0.15
N GLN C 233 -6.28 -6.06 0.60
CA GLN C 233 -5.24 -5.12 0.12
C GLN C 233 -3.90 -5.80 -0.24
N LYS C 234 -3.92 -7.16 -0.25
CA LYS C 234 -2.84 -8.12 -0.56
C LYS C 234 -3.10 -8.76 -1.98
N ARG C 235 -4.29 -8.45 -2.59
CA ARG C 235 -4.75 -8.93 -3.90
C ARG C 235 -5.03 -7.83 -4.94
N LEU C 236 -4.33 -7.90 -6.12
CA LEU C 236 -4.47 -7.01 -7.28
C LEU C 236 -5.17 -7.73 -8.43
N PHE C 237 -5.93 -6.98 -9.23
CA PHE C 237 -6.66 -7.57 -10.34
C PHE C 237 -6.37 -6.91 -11.67
N LEU C 238 -5.37 -7.43 -12.40
CA LEU C 238 -4.96 -6.91 -13.70
C LEU C 238 -5.45 -7.81 -14.85
N GLY C 239 -6.51 -8.55 -14.59
CA GLY C 239 -7.13 -9.44 -15.56
C GLY C 239 -8.20 -8.75 -16.36
N PRO C 240 -8.82 -9.45 -17.30
CA PRO C 240 -9.86 -8.84 -18.14
C PRO C 240 -11.28 -9.00 -17.64
N TYR C 241 -12.21 -8.18 -18.15
CA TYR C 241 -13.62 -8.24 -17.78
C TYR C 241 -14.32 -9.55 -18.33
N LYS C 242 -14.03 -10.67 -17.68
CA LYS C 242 -14.51 -12.04 -17.95
C LYS C 242 -15.78 -12.34 -17.08
N GLY C 243 -16.51 -13.38 -17.43
CA GLY C 243 -17.69 -13.82 -16.70
C GLY C 243 -19.01 -13.20 -17.07
N ARG C 244 -18.99 -12.15 -17.89
CA ARG C 244 -20.22 -11.48 -18.31
C ARG C 244 -20.36 -11.59 -19.79
N SER C 245 -21.45 -12.23 -20.21
CA SER C 245 -21.77 -12.43 -21.62
C SER C 245 -22.15 -11.12 -22.28
N THR C 246 -21.90 -11.02 -23.59
CA THR C 246 -22.28 -9.83 -24.35
C THR C 246 -23.80 -9.86 -24.52
N GLU C 247 -24.40 -11.06 -24.34
CA GLU C 247 -25.85 -11.27 -24.47
C GLU C 247 -26.63 -10.64 -23.31
N LEU C 248 -25.91 -10.08 -22.31
CA LEU C 248 -26.49 -9.42 -21.16
C LEU C 248 -26.90 -7.99 -21.53
N ILE C 249 -26.04 -7.30 -22.34
CA ILE C 249 -26.14 -5.90 -22.79
C ILE C 249 -27.60 -5.45 -23.15
N PRO C 250 -28.38 -6.14 -24.03
CA PRO C 250 -29.77 -5.69 -24.28
C PRO C 250 -30.79 -5.97 -23.15
N ARG C 251 -30.36 -6.67 -22.08
CA ARG C 251 -31.17 -7.06 -20.92
C ARG C 251 -30.81 -6.25 -19.65
N LEU C 252 -29.87 -5.29 -19.78
CA LEU C 252 -29.44 -4.42 -18.69
C LEU C 252 -29.59 -2.98 -19.10
N LYS C 253 -29.70 -2.08 -18.13
CA LYS C 253 -29.78 -0.65 -18.39
C LYS C 253 -28.37 -0.06 -18.27
N GLY C 254 -27.42 -0.85 -17.77
CA GLY C 254 -26.05 -0.36 -17.65
C GLY C 254 -25.12 -1.22 -16.84
N VAL C 255 -23.79 -0.93 -16.94
CA VAL C 255 -22.71 -1.62 -16.21
C VAL C 255 -21.69 -0.61 -15.66
N LEU C 256 -21.67 -0.46 -14.34
CA LEU C 256 -20.77 0.42 -13.61
C LEU C 256 -19.84 -0.46 -12.81
N THR C 257 -18.57 -0.47 -13.19
CA THR C 257 -17.57 -1.33 -12.58
C THR C 257 -16.89 -0.72 -11.35
N ASN C 258 -17.06 -1.39 -10.19
CA ASN C 258 -16.40 -1.05 -8.94
C ASN C 258 -15.04 -1.71 -9.11
N PRO C 259 -14.00 -0.89 -9.21
CA PRO C 259 -12.67 -1.43 -9.47
C PRO C 259 -11.74 -1.49 -8.24
N ASN C 260 -10.43 -1.74 -8.47
CA ASN C 260 -9.41 -1.80 -7.44
C ASN C 260 -9.32 -0.45 -6.74
N CYS C 261 -8.99 -0.43 -5.44
CA CYS C 261 -8.81 0.80 -4.65
C CYS C 261 -7.70 1.64 -5.25
N GLU C 262 -6.63 0.96 -5.67
CA GLU C 262 -5.43 1.52 -6.30
C GLU C 262 -5.92 1.97 -7.67
N PHE C 263 -5.94 3.30 -7.88
CA PHE C 263 -6.49 3.86 -9.10
C PHE C 263 -5.75 3.45 -10.39
N GLU C 264 -4.42 3.67 -10.47
CA GLU C 264 -3.57 3.40 -11.63
C GLU C 264 -3.61 1.97 -12.17
N ALA C 265 -4.00 1.03 -11.30
CA ALA C 265 -4.13 -0.41 -11.54
C ALA C 265 -5.41 -0.78 -12.29
N ASN C 266 -6.34 0.16 -12.42
CA ASN C 266 -7.62 -0.12 -13.07
C ASN C 266 -7.67 0.02 -14.63
N TYR C 267 -6.61 0.57 -15.30
CA TYR C 267 -6.54 0.70 -16.76
C TYR C 267 -7.19 -0.49 -17.47
N VAL C 268 -6.57 -1.69 -17.34
CA VAL C 268 -7.03 -2.94 -17.96
C VAL C 268 -8.54 -3.19 -17.67
N ALA C 269 -8.98 -3.06 -16.42
CA ALA C 269 -10.38 -3.28 -16.01
C ALA C 269 -11.38 -2.35 -16.67
N ILE C 270 -10.99 -1.09 -16.90
CA ILE C 270 -11.89 -0.13 -17.54
C ILE C 270 -11.84 -0.33 -19.05
N HIS C 271 -10.60 -0.37 -19.65
CA HIS C 271 -10.38 -0.58 -21.08
C HIS C 271 -11.17 -1.81 -21.53
N THR C 272 -10.94 -3.01 -20.90
CA THR C 272 -11.64 -4.27 -21.23
C THR C 272 -13.15 -4.16 -21.07
N LEU C 273 -13.64 -3.38 -20.08
CA LEU C 273 -15.10 -3.23 -19.94
C LEU C 273 -15.63 -2.57 -21.23
N ALA C 274 -14.97 -1.47 -21.67
CA ALA C 274 -15.29 -0.71 -22.87
C ALA C 274 -15.30 -1.62 -24.12
N THR C 275 -14.23 -2.44 -24.30
CA THR C 275 -14.05 -3.41 -25.39
C THR C 275 -15.22 -4.42 -25.34
N TRP C 276 -15.68 -4.78 -24.13
CA TRP C 276 -16.81 -5.68 -23.95
C TRP C 276 -18.11 -5.03 -24.42
N TYR C 277 -18.46 -3.84 -23.86
CA TYR C 277 -19.65 -3.06 -24.19
C TYR C 277 -19.74 -2.71 -25.66
N LYS C 278 -18.70 -2.04 -26.20
CA LYS C 278 -18.65 -1.64 -27.60
C LYS C 278 -18.99 -2.83 -28.53
N SER C 279 -18.37 -4.00 -28.30
CA SER C 279 -18.55 -5.25 -29.06
C SER C 279 -20.02 -5.64 -29.34
N ASN C 280 -20.97 -5.34 -28.44
CA ASN C 280 -22.35 -5.75 -28.68
C ASN C 280 -23.44 -4.75 -28.27
N MET C 281 -23.13 -3.42 -28.27
CA MET C 281 -24.05 -2.33 -27.90
C MET C 281 -25.48 -2.58 -28.46
N ASN C 282 -25.54 -2.64 -29.79
CA ASN C 282 -26.70 -2.85 -30.68
C ASN C 282 -27.44 -4.21 -30.43
N GLY C 283 -28.39 -4.20 -29.50
CA GLY C 283 -29.19 -5.36 -29.10
C GLY C 283 -30.14 -5.85 -30.18
N VAL C 317 -19.48 -15.05 -30.37
CA VAL C 317 -18.24 -14.64 -29.69
C VAL C 317 -17.76 -13.29 -30.21
N LEU C 318 -18.23 -12.21 -29.60
CA LEU C 318 -17.85 -10.89 -30.07
C LEU C 318 -16.77 -10.38 -29.16
N TYR C 319 -16.72 -10.96 -27.94
CA TYR C 319 -15.78 -10.60 -26.90
C TYR C 319 -14.98 -11.80 -26.41
N SER C 320 -13.67 -11.62 -26.35
CA SER C 320 -12.74 -12.62 -25.82
C SER C 320 -11.98 -11.94 -24.69
N PRO C 321 -12.09 -12.41 -23.42
CA PRO C 321 -11.37 -11.76 -22.32
C PRO C 321 -9.89 -11.79 -22.62
N GLN C 322 -9.39 -13.00 -22.92
CA GLN C 322 -7.98 -13.22 -23.27
C GLN C 322 -7.49 -12.24 -24.39
N MET C 323 -8.34 -12.02 -25.43
CA MET C 323 -8.02 -11.12 -26.53
C MET C 323 -8.02 -9.66 -26.10
N ALA C 324 -9.16 -9.20 -25.48
CA ALA C 324 -9.43 -7.84 -24.95
C ALA C 324 -8.27 -7.31 -24.13
N LEU C 325 -7.69 -8.24 -23.34
CA LEU C 325 -6.57 -8.07 -22.45
C LEU C 325 -5.35 -7.59 -23.18
N LYS C 326 -5.07 -8.19 -24.38
CA LYS C 326 -3.90 -7.79 -25.16
C LYS C 326 -4.07 -6.37 -25.62
N LEU C 327 -5.29 -5.97 -26.02
CA LEU C 327 -5.56 -4.61 -26.47
C LEU C 327 -5.24 -3.64 -25.34
N ALA C 328 -5.88 -3.88 -24.15
CA ALA C 328 -5.68 -3.09 -22.93
C ALA C 328 -4.20 -2.92 -22.60
N LEU C 329 -3.46 -4.03 -22.56
CA LEU C 329 -2.04 -4.08 -22.26
C LEU C 329 -1.18 -3.35 -23.26
N THR C 330 -1.62 -3.35 -24.54
CA THR C 330 -0.94 -2.69 -25.64
C THR C 330 -1.01 -1.18 -25.47
N GLU C 331 -2.25 -0.69 -25.22
CA GLU C 331 -2.56 0.72 -25.04
C GLU C 331 -1.86 1.30 -23.81
N TRP C 332 -1.86 0.51 -22.71
CA TRP C 332 -1.28 0.88 -21.42
C TRP C 332 0.21 1.14 -21.51
N LEU C 333 0.94 0.22 -22.13
CA LEU C 333 2.38 0.20 -22.34
C LEU C 333 2.93 1.57 -22.73
N GLN C 334 2.08 2.39 -23.32
CA GLN C 334 2.40 3.73 -23.77
C GLN C 334 2.60 4.70 -22.59
N GLU C 335 1.71 4.61 -21.57
CA GLU C 335 1.70 5.44 -20.34
C GLU C 335 2.97 5.27 -19.46
N PHE C 336 3.75 4.20 -19.67
CA PHE C 336 4.92 3.92 -18.85
C PHE C 336 6.13 4.81 -19.18
N GLY C 337 6.58 4.81 -20.44
CA GLY C 337 7.72 5.62 -20.91
C GLY C 337 9.01 5.51 -20.13
N MET D 1 39.20 0.94 -20.57
CA MET D 1 37.75 0.78 -20.62
C MET D 1 37.07 1.41 -19.39
N GLU D 2 36.15 2.35 -19.63
CA GLU D 2 35.38 3.02 -18.57
C GLU D 2 34.17 2.19 -18.14
N LYS D 3 33.54 2.56 -17.00
CA LYS D 3 32.37 1.84 -16.51
C LYS D 3 31.12 2.19 -17.31
N PRO D 4 30.42 1.17 -17.87
CA PRO D 4 29.20 1.45 -18.64
C PRO D 4 28.13 2.20 -17.81
N LEU D 5 27.57 3.26 -18.41
CA LEU D 5 26.54 4.09 -17.81
C LEU D 5 25.30 3.27 -17.53
N TYR D 6 24.65 3.55 -16.39
CA TYR D 6 23.41 2.89 -15.99
C TYR D 6 22.35 3.30 -16.99
N THR D 7 21.72 2.29 -17.58
CA THR D 7 20.68 2.53 -18.57
C THR D 7 19.42 1.84 -18.16
N ALA D 8 18.31 2.49 -18.46
CA ALA D 8 17.02 1.93 -18.14
C ALA D 8 16.55 1.27 -19.43
N GLU D 9 16.11 0.03 -19.34
CA GLU D 9 15.57 -0.69 -20.47
C GLU D 9 14.07 -0.46 -20.26
N PRO D 10 13.27 -0.19 -21.32
CA PRO D 10 11.84 0.07 -21.08
C PRO D 10 11.02 -1.18 -20.85
N VAL D 11 9.87 -0.99 -20.21
CA VAL D 11 8.88 -2.01 -19.93
C VAL D 11 8.42 -2.48 -21.33
N THR D 12 8.44 -3.81 -21.57
CA THR D 12 8.01 -4.43 -22.81
C THR D 12 6.51 -4.78 -22.69
N LEU D 13 5.92 -5.28 -23.79
CA LEU D 13 4.52 -5.67 -23.77
C LEU D 13 4.40 -7.01 -23.00
N GLU D 14 5.46 -7.83 -23.09
CA GLU D 14 5.62 -9.13 -22.46
C GLU D 14 5.66 -8.91 -20.97
N ASP D 15 6.43 -7.86 -20.53
CA ASP D 15 6.54 -7.45 -19.12
C ASP D 15 5.16 -7.27 -18.58
N LEU D 16 4.36 -6.44 -19.26
CA LEU D 16 2.98 -6.18 -18.87
C LEU D 16 2.15 -7.41 -18.92
N GLN D 17 2.26 -8.21 -19.98
CA GLN D 17 1.50 -9.46 -20.12
C GLN D 17 1.78 -10.45 -19.03
N LEU D 18 3.04 -10.45 -18.54
CA LEU D 18 3.46 -11.30 -17.43
C LEU D 18 2.78 -10.80 -16.18
N LEU D 19 2.84 -9.47 -15.92
CA LEU D 19 2.23 -8.79 -14.77
C LEU D 19 0.71 -9.08 -14.67
N ALA D 20 0.01 -9.03 -15.81
CA ALA D 20 -1.43 -9.27 -15.92
C ALA D 20 -1.82 -10.70 -15.52
N ASP D 21 -0.96 -11.64 -15.82
CA ASP D 21 -1.17 -13.03 -15.51
C ASP D 21 -0.73 -13.30 -14.05
N LEU D 22 0.20 -12.48 -13.51
CA LEU D 22 0.66 -12.67 -12.14
C LEU D 22 -0.41 -12.22 -11.12
N PHE D 23 -1.20 -11.18 -11.51
CA PHE D 23 -2.27 -10.55 -10.74
C PHE D 23 -3.41 -10.55 -11.70
N TYR D 24 -4.15 -11.66 -11.76
CA TYR D 24 -5.23 -11.77 -12.72
C TYR D 24 -6.61 -11.35 -12.18
N LEU D 25 -7.43 -12.33 -11.80
CA LEU D 25 -8.80 -12.15 -11.34
C LEU D 25 -9.05 -12.76 -9.95
N PRO D 26 -10.26 -12.59 -9.35
CA PRO D 26 -10.50 -13.16 -8.01
C PRO D 26 -10.53 -14.69 -8.06
N TYR D 27 -11.37 -15.25 -8.95
CA TYR D 27 -11.62 -16.68 -9.18
C TYR D 27 -10.65 -17.32 -10.20
N GLU D 28 -9.56 -16.60 -10.56
CA GLU D 28 -8.62 -17.08 -11.57
C GLU D 28 -7.22 -16.60 -11.40
N HIS D 29 -6.36 -17.27 -12.11
CA HIS D 29 -4.96 -17.02 -12.20
C HIS D 29 -4.74 -16.80 -13.66
N GLY D 30 -3.71 -16.06 -13.99
CA GLY D 30 -3.38 -15.81 -15.39
C GLY D 30 -2.65 -17.00 -15.94
N PRO D 31 -2.96 -17.49 -17.17
CA PRO D 31 -2.26 -18.66 -17.71
C PRO D 31 -0.75 -18.70 -17.41
N LYS D 32 0.00 -17.60 -17.72
CA LYS D 32 1.44 -17.44 -17.54
C LYS D 32 1.91 -17.68 -16.10
N GLY D 33 1.02 -17.45 -15.14
CA GLY D 33 1.27 -17.65 -13.72
C GLY D 33 0.75 -19.00 -13.28
N ALA D 34 -0.37 -19.45 -13.88
CA ALA D 34 -1.03 -20.75 -13.63
C ALA D 34 -0.07 -21.89 -14.07
N GLN D 35 0.67 -21.66 -15.20
CA GLN D 35 1.68 -22.53 -15.79
C GLN D 35 2.89 -22.55 -14.84
N MET D 36 3.30 -21.38 -14.37
CA MET D 36 4.43 -21.23 -13.47
C MET D 36 4.23 -21.92 -12.13
N LEU D 37 2.98 -22.14 -11.72
CA LEU D 37 2.73 -22.83 -10.47
C LEU D 37 2.68 -24.31 -10.73
N ARG D 38 2.24 -24.69 -11.94
CA ARG D 38 2.18 -26.08 -12.40
C ARG D 38 3.63 -26.60 -12.41
N GLU D 39 4.48 -25.95 -13.21
CA GLU D 39 5.89 -26.27 -13.36
C GLU D 39 6.68 -26.32 -12.05
N PHE D 40 6.43 -25.41 -11.09
CA PHE D 40 7.15 -25.44 -9.82
C PHE D 40 6.76 -26.64 -8.96
N GLN D 41 5.47 -27.05 -9.03
CA GLN D 41 4.94 -28.19 -8.27
C GLN D 41 5.59 -29.49 -8.77
N TRP D 42 5.61 -29.69 -10.10
CA TRP D 42 6.22 -30.83 -10.80
C TRP D 42 7.72 -30.93 -10.53
N LEU D 43 8.47 -29.82 -10.72
CA LEU D 43 9.93 -29.73 -10.49
C LEU D 43 10.28 -30.08 -9.04
N ARG D 44 9.38 -29.76 -8.09
CA ARG D 44 9.59 -30.06 -6.68
C ARG D 44 9.39 -31.56 -6.45
N ALA D 45 8.47 -32.19 -7.24
CA ALA D 45 8.10 -33.60 -7.20
C ALA D 45 9.09 -34.57 -7.90
N ASN D 46 10.31 -34.09 -8.25
CA ASN D 46 11.30 -34.94 -8.94
C ASN D 46 12.75 -34.81 -8.42
N SER D 47 13.51 -35.92 -8.63
CA SER D 47 14.93 -36.18 -8.29
C SER D 47 15.53 -37.20 -9.27
N ILE D 62 15.56 -38.05 -15.00
CA ILE D 62 15.87 -37.94 -16.42
C ILE D 62 16.73 -36.69 -16.70
N GLU D 63 16.87 -36.33 -17.99
CA GLU D 63 17.61 -35.15 -18.43
C GLU D 63 16.64 -33.98 -18.54
N GLU D 64 15.33 -34.29 -18.72
CA GLU D 64 14.22 -33.33 -18.84
C GLU D 64 14.14 -32.31 -17.68
N TRP D 65 14.24 -32.78 -16.42
CA TRP D 65 14.19 -31.92 -15.23
C TRP D 65 15.24 -30.81 -15.36
N ARG D 66 16.49 -31.16 -15.76
CA ARG D 66 17.61 -30.21 -15.91
C ARG D 66 17.29 -29.09 -16.90
N SER D 67 16.53 -29.39 -17.98
CA SER D 67 16.10 -28.43 -19.01
C SER D 67 14.82 -27.65 -18.63
N ARG D 68 13.89 -28.30 -17.90
CA ARG D 68 12.65 -27.69 -17.45
C ARG D 68 12.92 -26.73 -16.30
N ALA D 69 13.81 -27.13 -15.36
CA ALA D 69 14.21 -26.32 -14.21
C ALA D 69 15.00 -25.11 -14.67
N ALA D 70 15.62 -25.23 -15.85
CA ALA D 70 16.41 -24.17 -16.47
C ALA D 70 15.48 -23.09 -16.98
N LYS D 71 14.52 -23.46 -17.87
CA LYS D 71 13.56 -22.51 -18.44
C LYS D 71 12.66 -21.90 -17.37
N PHE D 72 12.49 -22.60 -16.22
CA PHE D 72 11.72 -22.08 -15.08
C PHE D 72 12.52 -20.99 -14.37
N GLU D 73 13.86 -21.08 -14.39
CA GLU D 73 14.73 -20.07 -13.78
C GLU D 73 14.79 -18.83 -14.69
N GLU D 74 14.55 -19.03 -15.99
CA GLU D 74 14.49 -17.98 -16.98
C GLU D 74 13.13 -17.28 -16.77
N MET D 75 12.07 -18.09 -16.52
CA MET D 75 10.69 -17.69 -16.24
C MET D 75 10.62 -16.86 -14.96
N CYS D 76 11.53 -17.16 -14.03
CA CYS D 76 11.60 -16.48 -12.76
C CYS D 76 12.28 -15.14 -12.92
N GLY D 77 13.40 -15.12 -13.65
CA GLY D 77 14.20 -13.92 -13.93
C GLY D 77 13.45 -12.89 -14.72
N LEU D 78 12.42 -13.36 -15.42
CA LEU D 78 11.49 -12.59 -16.22
C LEU D 78 10.61 -11.80 -15.27
N VAL D 79 10.09 -12.46 -14.22
CA VAL D 79 9.25 -11.83 -13.18
C VAL D 79 10.07 -10.76 -12.45
N MET D 80 11.36 -11.07 -12.23
CA MET D 80 12.31 -10.18 -11.58
C MET D 80 12.67 -8.99 -12.47
N GLY D 81 12.98 -9.27 -13.73
CA GLY D 81 13.33 -8.24 -14.70
C GLY D 81 12.18 -7.28 -14.95
N MET D 82 10.94 -7.83 -14.96
CA MET D 82 9.69 -7.10 -15.16
C MET D 82 9.58 -6.02 -14.12
N PHE D 83 10.03 -6.32 -12.87
CA PHE D 83 10.02 -5.35 -11.77
C PHE D 83 11.04 -4.27 -11.99
N THR D 84 12.30 -4.66 -12.31
CA THR D 84 13.42 -3.75 -12.58
C THR D 84 13.02 -2.70 -13.61
N ARG D 85 12.44 -3.14 -14.75
CA ARG D 85 12.02 -2.27 -15.86
C ARG D 85 10.85 -1.34 -15.45
N LEU D 86 9.92 -1.86 -14.61
CA LEU D 86 8.80 -1.09 -14.08
C LEU D 86 9.33 -0.06 -13.08
N SER D 87 10.38 -0.43 -12.31
CA SER D 87 11.05 0.35 -11.29
C SER D 87 11.90 1.47 -11.85
N ASN D 88 12.22 1.41 -13.17
CA ASN D 88 13.09 2.37 -13.85
C ASN D 88 12.45 3.29 -14.83
N CYS D 89 11.15 3.15 -15.10
CA CYS D 89 10.51 4.02 -16.06
C CYS D 89 10.21 5.40 -15.49
N ALA D 90 10.24 6.41 -16.38
CA ALA D 90 10.00 7.82 -16.10
C ALA D 90 8.78 8.05 -15.21
N ASN D 91 7.62 7.43 -15.55
CA ASN D 91 6.48 7.64 -14.68
C ASN D 91 6.41 6.63 -13.58
N ARG D 92 6.70 7.15 -12.41
CA ARG D 92 6.76 6.49 -11.13
C ARG D 92 5.34 6.17 -10.63
N THR D 93 4.40 7.14 -10.76
CA THR D 93 2.98 7.07 -10.38
C THR D 93 2.35 5.71 -10.60
N ILE D 94 2.60 5.09 -11.76
CA ILE D 94 2.07 3.75 -12.10
C ILE D 94 2.60 2.70 -11.09
N LEU D 95 3.95 2.57 -11.03
CA LEU D 95 4.73 1.67 -10.20
C LEU D 95 4.33 1.78 -8.75
N TYR D 96 4.51 2.97 -8.13
CA TYR D 96 4.18 3.27 -6.74
C TYR D 96 2.77 2.86 -6.35
N ASP D 97 1.76 3.04 -7.24
CA ASP D 97 0.38 2.64 -6.93
C ASP D 97 0.19 1.10 -6.92
N MET D 98 1.26 0.33 -7.22
CA MET D 98 1.25 -1.14 -7.25
C MET D 98 2.46 -1.80 -6.54
N TYR D 99 3.53 -1.01 -6.18
CA TYR D 99 4.79 -1.44 -5.53
C TYR D 99 4.62 -2.55 -4.51
N SER D 100 3.63 -2.42 -3.59
CA SER D 100 3.33 -3.43 -2.57
C SER D 100 3.26 -4.84 -3.24
N TYR D 101 2.24 -5.05 -4.09
CA TYR D 101 1.93 -6.27 -4.81
C TYR D 101 3.06 -6.76 -5.73
N VAL D 102 3.72 -5.84 -6.44
CA VAL D 102 4.75 -6.21 -7.40
C VAL D 102 6.08 -6.48 -6.75
N TRP D 103 6.40 -5.79 -5.66
CA TRP D 103 7.66 -6.03 -4.96
C TRP D 103 7.67 -7.46 -4.39
N ASP D 104 6.54 -7.88 -3.77
CA ASP D 104 6.37 -9.17 -3.12
C ASP D 104 6.49 -10.31 -4.11
N ILE D 105 5.73 -10.31 -5.23
CA ILE D 105 5.82 -11.36 -6.25
C ILE D 105 7.27 -11.54 -6.71
N LYS D 106 8.00 -10.43 -6.94
CA LYS D 106 9.41 -10.38 -7.36
C LYS D 106 10.30 -11.15 -6.36
N SER D 107 10.08 -10.93 -5.04
CA SER D 107 10.81 -11.55 -3.93
C SER D 107 10.59 -13.07 -3.80
N ILE D 108 9.31 -13.52 -3.74
CA ILE D 108 8.92 -14.94 -3.63
C ILE D 108 9.47 -15.66 -4.85
N MET D 109 9.38 -15.02 -6.02
CA MET D 109 9.89 -15.55 -7.28
C MET D 109 11.41 -15.65 -7.26
N SER D 110 12.08 -14.75 -6.50
CA SER D 110 13.53 -14.75 -6.37
C SER D 110 13.99 -15.92 -5.51
N MET D 111 13.20 -16.28 -4.49
CA MET D 111 13.47 -17.39 -3.59
C MET D 111 13.21 -18.69 -4.33
N VAL D 112 12.04 -18.79 -4.99
CA VAL D 112 11.59 -19.93 -5.79
C VAL D 112 12.63 -20.30 -6.89
N LYS D 113 13.34 -19.31 -7.48
CA LYS D 113 14.38 -19.52 -8.50
C LYS D 113 15.58 -20.22 -7.86
N SER D 114 16.03 -19.69 -6.70
CA SER D 114 17.17 -20.18 -5.92
C SER D 114 16.91 -21.55 -5.33
N PHE D 115 15.66 -21.81 -4.87
CA PHE D 115 15.27 -23.09 -4.32
C PHE D 115 15.51 -24.17 -5.38
N VAL D 116 14.97 -23.96 -6.62
CA VAL D 116 15.12 -24.86 -7.77
C VAL D 116 16.58 -25.06 -8.15
N GLN D 117 17.43 -24.00 -8.06
CA GLN D 117 18.88 -24.08 -8.36
C GLN D 117 19.53 -25.14 -7.47
N TRP D 118 19.18 -25.12 -6.16
CA TRP D 118 19.64 -26.03 -5.09
C TRP D 118 18.93 -27.40 -5.15
N LEU D 119 17.72 -27.47 -5.77
CA LEU D 119 16.94 -28.71 -5.96
C LEU D 119 17.64 -29.53 -7.08
N GLY D 120 18.65 -28.91 -7.68
CA GLY D 120 19.48 -29.47 -8.73
C GLY D 120 20.84 -29.90 -8.22
N CYS D 121 21.11 -29.66 -6.89
CA CYS D 121 22.33 -30.01 -6.14
C CYS D 121 22.14 -29.93 -4.62
N ARG D 140 8.01 -14.46 7.85
CA ARG D 140 7.72 -13.96 6.51
C ARG D 140 6.24 -13.69 6.38
N GLY D 141 5.89 -12.61 5.67
CA GLY D 141 4.50 -12.20 5.45
C GLY D 141 3.77 -11.73 6.71
N GLY D 142 4.52 -11.58 7.80
CA GLY D 142 4.02 -11.18 9.09
C GLY D 142 3.21 -12.25 9.80
N LEU D 143 2.50 -11.84 10.86
CA LEU D 143 1.67 -12.72 11.68
C LEU D 143 0.47 -13.20 10.90
N ALA D 144 -0.05 -12.38 9.99
CA ALA D 144 -1.18 -12.79 9.18
C ALA D 144 -0.71 -13.89 8.23
N GLY D 145 0.55 -13.79 7.80
CA GLY D 145 1.17 -14.77 6.93
C GLY D 145 1.21 -16.13 7.58
N GLU D 146 1.60 -16.14 8.88
CA GLU D 146 1.69 -17.32 9.74
C GLU D 146 0.35 -17.99 10.03
N PHE D 147 -0.72 -17.22 10.31
CA PHE D 147 -2.03 -17.81 10.54
C PHE D 147 -2.55 -18.41 9.22
N GLN D 148 -2.36 -17.71 8.07
CA GLN D 148 -2.77 -18.20 6.75
C GLN D 148 -1.95 -19.46 6.34
N ARG D 149 -0.90 -19.76 7.10
CA ARG D 149 -0.01 -20.91 6.88
C ARG D 149 -0.52 -22.15 7.66
N LEU D 150 -1.50 -21.96 8.57
CA LEU D 150 -2.03 -23.07 9.37
C LEU D 150 -3.34 -23.64 8.83
N LEU D 151 -4.27 -22.80 8.31
CA LEU D 151 -5.54 -23.25 7.72
C LEU D 151 -5.28 -24.11 6.45
N PRO D 152 -6.13 -25.10 6.10
CA PRO D 152 -5.86 -25.92 4.90
C PRO D 152 -6.30 -25.28 3.57
CAH OAN E . 23.03 0.99 4.33
CAG OAN E . 21.83 0.15 4.02
OAN OAN E . 21.32 -0.57 4.84
NAI OAN E . 21.37 0.25 2.71
CAB OAN E . 20.25 -0.43 2.17
CAC OAN E . 18.93 0.28 2.63
OAJ OAN E . 18.60 1.16 1.66
CAD OAN E . 17.73 -0.70 2.75
OAK OAN E . 16.59 -0.04 3.15
CAE OAN E . 18.09 -1.85 3.70
CAF OAN E . 17.13 -3.03 3.41
OAM OAN E . 16.04 -2.84 4.20
OAL OAN E . 19.43 -2.41 3.47
CAA OAN E . 20.26 -1.93 2.45
NAY OAN E . 21.09 -2.66 1.68
OAQ OAN E . 21.29 -4.05 1.69
CAP OAN E . 20.11 -4.84 1.52
OAR OAN E . 19.30 -4.61 0.56
NAO OAN E . 20.15 -5.88 2.50
CAS OAN E . 19.16 -6.86 2.91
CAT OAN E . 19.54 -7.84 3.85
CAU OAN E . 18.57 -8.51 4.63
CAV OAN E . 17.21 -8.19 4.49
CAW OAN E . 16.83 -7.26 3.53
CAX OAN E . 17.78 -6.60 2.72
CAH OAN F . -23.40 -2.71 -3.82
CAG OAN F . -22.09 -3.22 -3.30
OAN OAN F . -21.48 -4.14 -3.83
NAI OAN F . -21.65 -2.55 -2.15
CAB OAN F . -20.47 -2.73 -1.36
CAC OAN F . -19.21 -2.03 -1.92
OAJ OAN F . -19.11 -0.81 -1.32
CAD OAN F . -17.95 -2.86 -1.60
OAK OAN F . -16.82 -2.16 -1.97
CAE OAN F . -18.07 -4.26 -2.27
CAF OAN F . -17.09 -5.32 -1.69
OAM OAN F . -15.79 -5.01 -1.99
OAL OAN F . -19.34 -4.87 -1.97
CAA OAN F . -20.14 -4.19 -1.03
NAY OAN F . -20.62 -4.65 0.17
OAQ OAN F . -20.51 -5.91 0.80
CAP OAN F . -19.14 -6.34 1.04
OAR OAN F . -18.32 -5.57 1.61
NAO OAN F . -19.06 -7.69 0.54
CAS OAN F . -18.03 -8.67 0.32
CAT OAN F . -18.49 -9.93 -0.17
CAU OAN F . -17.59 -10.86 -0.72
CAV OAN F . -16.21 -10.56 -0.76
CAW OAN F . -15.75 -9.34 -0.24
CAX OAN F . -16.64 -8.39 0.32
#